data_8AMI
# 
_entry.id   8AMI 
# 
_audit_conform.dict_name       mmcif_pdbx.dic 
_audit_conform.dict_version    5.385 
_audit_conform.dict_location   http://mmcif.pdb.org/dictionaries/ascii/mmcif_pdbx.dic 
# 
loop_
_database_2.database_id 
_database_2.database_code 
_database_2.pdbx_database_accession 
_database_2.pdbx_DOI 
PDB   8AMI         pdb_00008ami 10.2210/pdb8ami/pdb 
WWPDB D_1292123846 ?            ?                   
# 
loop_
_pdbx_audit_revision_history.ordinal 
_pdbx_audit_revision_history.data_content_type 
_pdbx_audit_revision_history.major_revision 
_pdbx_audit_revision_history.minor_revision 
_pdbx_audit_revision_history.revision_date 
1 'Structure model' 1 0 2022-11-23 
2 'Structure model' 1 1 2023-02-01 
3 'Structure model' 1 2 2024-02-07 
# 
_pdbx_audit_revision_details.ordinal             1 
_pdbx_audit_revision_details.revision_ordinal    1 
_pdbx_audit_revision_details.data_content_type   'Structure model' 
_pdbx_audit_revision_details.provider            repository 
_pdbx_audit_revision_details.type                'Initial release' 
_pdbx_audit_revision_details.description         ? 
_pdbx_audit_revision_details.details             ? 
# 
loop_
_pdbx_audit_revision_group.ordinal 
_pdbx_audit_revision_group.revision_ordinal 
_pdbx_audit_revision_group.data_content_type 
_pdbx_audit_revision_group.group 
1 2 'Structure model' 'Database references'    
2 3 'Structure model' 'Data collection'        
3 3 'Structure model' 'Refinement description' 
# 
loop_
_pdbx_audit_revision_category.ordinal 
_pdbx_audit_revision_category.revision_ordinal 
_pdbx_audit_revision_category.data_content_type 
_pdbx_audit_revision_category.category 
1 2 'Structure model' citation                      
2 3 'Structure model' chem_comp_atom                
3 3 'Structure model' chem_comp_bond                
4 3 'Structure model' pdbx_initial_refinement_model 
# 
loop_
_pdbx_audit_revision_item.ordinal 
_pdbx_audit_revision_item.revision_ordinal 
_pdbx_audit_revision_item.data_content_type 
_pdbx_audit_revision_item.item 
1 2 'Structure model' '_citation.journal_volume' 
2 2 'Structure model' '_citation.page_first'     
3 2 'Structure model' '_citation.page_last'      
# 
_pdbx_database_status.status_code                     REL 
_pdbx_database_status.status_code_sf                  REL 
_pdbx_database_status.status_code_mr                  ? 
_pdbx_database_status.entry_id                        8AMI 
_pdbx_database_status.recvd_initial_deposition_date   2022-08-03 
_pdbx_database_status.SG_entry                        N 
_pdbx_database_status.deposit_site                    PDBE 
_pdbx_database_status.process_site                    PDBE 
_pdbx_database_status.status_code_cs                  ? 
_pdbx_database_status.status_code_nmr_data            ? 
_pdbx_database_status.methods_development_category    ? 
_pdbx_database_status.pdb_format_compatible           Y 
# 
_pdbx_database_related.db_name        PDB 
_pdbx_database_related.details        'same RNA oligomer crystallized in different space group' 
_pdbx_database_related.db_id          8AMG 
_pdbx_database_related.content_type   unspecified 
# 
_pdbx_contact_author.id                 2 
_pdbx_contact_author.email              wojtekr@ibch.poznan.pl 
_pdbx_contact_author.name_first         Wojciech 
_pdbx_contact_author.name_last          Rypniewski 
_pdbx_contact_author.name_mi            ? 
_pdbx_contact_author.role               'principal investigator/group leader' 
_pdbx_contact_author.identifier_ORCID   0000-0002-6097-5518 
# 
loop_
_audit_author.name 
_audit_author.pdbx_ordinal 
_audit_author.identifier_ORCID 
'Kiliszek, A.'   1 0000-0002-2871-7535 
'Rypniewski, W.' 2 0000-0002-6097-5518 
# 
_citation.abstract                  ? 
_citation.abstract_id_CAS           ? 
_citation.book_id_ISBN              ? 
_citation.book_publisher            ? 
_citation.book_publisher_city       ? 
_citation.book_title                ? 
_citation.coordinate_linkage        ? 
_citation.country                   UK 
_citation.database_id_Medline       ? 
_citation.details                   ? 
_citation.id                        primary 
_citation.journal_abbrev            Rna 
_citation.journal_id_ASTM           RNARFU 
_citation.journal_id_CSD            2122 
_citation.journal_id_ISSN           1469-9001 
_citation.journal_full              ? 
_citation.journal_issue             ? 
_citation.journal_volume            29 
_citation.language                  ? 
_citation.page_first                44 
_citation.page_last                 54 
_citation.title                     
;Structure and thermodynamics of a UGG motif interacting with Ba2+ and other metal ions: accommodating changes in the RNA structure and the presence of a G(syn)-G(syn) pair.
;
_citation.year                      2022 
_citation.database_id_CSD           ? 
_citation.pdbx_database_id_DOI      10.1261/rna.079414.122 
_citation.pdbx_database_id_PubMed   36319090 
_citation.pdbx_database_id_patent   ? 
_citation.unpublished_flag          ? 
# 
loop_
_citation_author.citation_id 
_citation_author.name 
_citation_author.ordinal 
_citation_author.identifier_ORCID 
primary 'Kiliszek, A.'   1 0000-0002-2871-7535 
primary 'Pluta, M.'      2 0000-0002-7326-0976 
primary 'Bejger, M.'     3 0000-0003-1660-9745 
primary 'Rypniewski, W.' 4 0000-0002-6097-5518 
# 
loop_
_entity.id 
_entity.type 
_entity.src_method 
_entity.pdbx_description 
_entity.formula_weight 
_entity.pdbx_number_of_molecules 
_entity.pdbx_ec 
_entity.pdbx_mutation 
_entity.pdbx_fragment 
_entity.details 
1 polymer     syn 
;RNA (5'-R(*AP*UP*GP*UP*GP*GP*CP*AP*U)-3')
;
2872.751 2  ? ? ? ? 
2 non-polymer syn 'BARIUM ION'                                137.327  2  ? ? ? ? 
3 non-polymer syn 'SODIUM ION'                                22.990   1  ? ? ? ? 
4 water       nat water                                       18.015   42 ? ? ? ? 
# 
_entity_poly.entity_id                      1 
_entity_poly.type                           polyribonucleotide 
_entity_poly.nstd_linkage                   no 
_entity_poly.nstd_monomer                   no 
_entity_poly.pdbx_seq_one_letter_code       AUGUGGCAU 
_entity_poly.pdbx_seq_one_letter_code_can   AUGUGGCAU 
_entity_poly.pdbx_strand_id                 A,B 
_entity_poly.pdbx_target_identifier         ? 
# 
loop_
_pdbx_entity_nonpoly.entity_id 
_pdbx_entity_nonpoly.name 
_pdbx_entity_nonpoly.comp_id 
2 'BARIUM ION' BA  
3 'SODIUM ION' NA  
4 water        HOH 
# 
loop_
_entity_poly_seq.entity_id 
_entity_poly_seq.num 
_entity_poly_seq.mon_id 
_entity_poly_seq.hetero 
1 1 A n 
1 2 U n 
1 3 G n 
1 4 U n 
1 5 G n 
1 6 G n 
1 7 C n 
1 8 A n 
1 9 U n 
# 
_pdbx_entity_src_syn.entity_id              1 
_pdbx_entity_src_syn.pdbx_src_id            1 
_pdbx_entity_src_syn.pdbx_alt_source_flag   sample 
_pdbx_entity_src_syn.pdbx_beg_seq_num       1 
_pdbx_entity_src_syn.pdbx_end_seq_num       9 
_pdbx_entity_src_syn.organism_scientific    'Homo sapiens' 
_pdbx_entity_src_syn.organism_common_name   ? 
_pdbx_entity_src_syn.ncbi_taxonomy_id       9606 
_pdbx_entity_src_syn.details                ? 
# 
loop_
_chem_comp.id 
_chem_comp.type 
_chem_comp.mon_nstd_flag 
_chem_comp.name 
_chem_comp.pdbx_synonyms 
_chem_comp.formula 
_chem_comp.formula_weight 
A   'RNA linking' y "ADENOSINE-5'-MONOPHOSPHATE" ? 'C10 H14 N5 O7 P' 347.221 
BA  non-polymer   . 'BARIUM ION'                 ? 'Ba 2'            137.327 
C   'RNA linking' y "CYTIDINE-5'-MONOPHOSPHATE"  ? 'C9 H14 N3 O8 P'  323.197 
G   'RNA linking' y "GUANOSINE-5'-MONOPHOSPHATE" ? 'C10 H14 N5 O8 P' 363.221 
HOH non-polymer   . WATER                        ? 'H2 O'            18.015  
NA  non-polymer   . 'SODIUM ION'                 ? 'Na 1'            22.990  
U   'RNA linking' y "URIDINE-5'-MONOPHOSPHATE"   ? 'C9 H13 N2 O9 P'  324.181 
# 
loop_
_pdbx_poly_seq_scheme.asym_id 
_pdbx_poly_seq_scheme.entity_id 
_pdbx_poly_seq_scheme.seq_id 
_pdbx_poly_seq_scheme.mon_id 
_pdbx_poly_seq_scheme.ndb_seq_num 
_pdbx_poly_seq_scheme.pdb_seq_num 
_pdbx_poly_seq_scheme.auth_seq_num 
_pdbx_poly_seq_scheme.pdb_mon_id 
_pdbx_poly_seq_scheme.auth_mon_id 
_pdbx_poly_seq_scheme.pdb_strand_id 
_pdbx_poly_seq_scheme.pdb_ins_code 
_pdbx_poly_seq_scheme.hetero 
A 1 1 A 1 1 1 A A A . n 
A 1 2 U 2 2 2 U U A . n 
A 1 3 G 3 3 3 G G A . n 
A 1 4 U 4 4 4 U U A . n 
A 1 5 G 5 5 5 G G A . n 
A 1 6 G 6 6 6 G G A . n 
A 1 7 C 7 7 7 C C A . n 
A 1 8 A 8 8 8 A A A . n 
A 1 9 U 9 9 9 U U A . n 
B 1 1 A 1 1 1 A A B . n 
B 1 2 U 2 2 2 U U B . n 
B 1 3 G 3 3 3 G G B . n 
B 1 4 U 4 4 4 U U B . n 
B 1 5 G 5 5 5 G G B . n 
B 1 6 G 6 6 6 G G B . n 
B 1 7 C 7 7 7 C C B . n 
B 1 8 A 8 8 8 A A B . n 
B 1 9 U 9 9 9 U U B . n 
# 
loop_
_pdbx_nonpoly_scheme.asym_id 
_pdbx_nonpoly_scheme.entity_id 
_pdbx_nonpoly_scheme.mon_id 
_pdbx_nonpoly_scheme.ndb_seq_num 
_pdbx_nonpoly_scheme.pdb_seq_num 
_pdbx_nonpoly_scheme.auth_seq_num 
_pdbx_nonpoly_scheme.pdb_mon_id 
_pdbx_nonpoly_scheme.auth_mon_id 
_pdbx_nonpoly_scheme.pdb_strand_id 
_pdbx_nonpoly_scheme.pdb_ins_code 
C 2 BA  1  101 1  BA  BA  A . 
D 2 BA  1  101 2  BA  BA  B . 
E 3 NA  1  102 1  NA  NA  B . 
F 4 HOH 1  201 30 HOH HOH A . 
F 4 HOH 2  202 36 HOH HOH A . 
F 4 HOH 3  203 15 HOH HOH A . 
F 4 HOH 4  204 17 HOH HOH A . 
F 4 HOH 5  205 40 HOH HOH A . 
F 4 HOH 6  206 34 HOH HOH A . 
F 4 HOH 7  207 31 HOH HOH A . 
F 4 HOH 8  208 7  HOH HOH A . 
F 4 HOH 9  209 29 HOH HOH A . 
F 4 HOH 10 210 19 HOH HOH A . 
F 4 HOH 11 211 11 HOH HOH A . 
F 4 HOH 12 212 6  HOH HOH A . 
F 4 HOH 13 213 20 HOH HOH A . 
F 4 HOH 14 214 12 HOH HOH A . 
F 4 HOH 15 215 4  HOH HOH A . 
F 4 HOH 16 216 1  HOH HOH A . 
F 4 HOH 17 217 21 HOH HOH A . 
F 4 HOH 18 218 32 HOH HOH A . 
F 4 HOH 19 219 41 HOH HOH A . 
F 4 HOH 20 220 5  HOH HOH A . 
F 4 HOH 21 221 42 HOH HOH A . 
G 4 HOH 1  201 38 HOH HOH B . 
G 4 HOH 2  202 13 HOH HOH B . 
G 4 HOH 3  203 33 HOH HOH B . 
G 4 HOH 4  204 28 HOH HOH B . 
G 4 HOH 5  205 26 HOH HOH B . 
G 4 HOH 6  206 14 HOH HOH B . 
G 4 HOH 7  207 22 HOH HOH B . 
G 4 HOH 8  208 35 HOH HOH B . 
G 4 HOH 9  209 23 HOH HOH B . 
G 4 HOH 10 210 25 HOH HOH B . 
G 4 HOH 11 211 27 HOH HOH B . 
G 4 HOH 12 212 8  HOH HOH B . 
G 4 HOH 13 213 43 HOH HOH B . 
G 4 HOH 14 214 3  HOH HOH B . 
G 4 HOH 15 215 9  HOH HOH B . 
G 4 HOH 16 216 39 HOH HOH B . 
G 4 HOH 17 217 18 HOH HOH B . 
G 4 HOH 18 218 10 HOH HOH B . 
G 4 HOH 19 219 2  HOH HOH B . 
G 4 HOH 20 220 24 HOH HOH B . 
G 4 HOH 21 221 16 HOH HOH B . 
# 
loop_
_software.citation_id 
_software.classification 
_software.compiler_name 
_software.compiler_version 
_software.contact_author 
_software.contact_author_email 
_software.date 
_software.description 
_software.dependencies 
_software.hardware 
_software.language 
_software.location 
_software.mods 
_software.name 
_software.os 
_software.os_version 
_software.type 
_software.version 
_software.pdbx_ordinal 
? refinement       ? ? ? ? ? ? ? ? ? ? ? PHENIX ? ? ? 1.16_3549 1 
? 'data reduction' ? ? ? ? ? ? ? ? ? ? ? XDS    ? ? ? .         2 
? 'data scaling'   ? ? ? ? ? ? ? ? ? ? ? XDS    ? ? ? .         3 
? phasing          ? ? ? ? ? ? ? ? ? ? ? PHASER ? ? ? .         4 
# 
_cell.angle_alpha                  90.000 
_cell.angle_alpha_esd              ? 
_cell.angle_beta                   90.000 
_cell.angle_beta_esd               ? 
_cell.angle_gamma                  90.000 
_cell.angle_gamma_esd              ? 
_cell.entry_id                     8AMI 
_cell.details                      ? 
_cell.formula_units_Z              ? 
_cell.length_a                     34.109 
_cell.length_a_esd                 ? 
_cell.length_b                     34.109 
_cell.length_b_esd                 ? 
_cell.length_c                     81.353 
_cell.length_c_esd                 ? 
_cell.volume                       94648.026 
_cell.volume_esd                   ? 
_cell.Z_PDB                        16 
_cell.reciprocal_angle_alpha       ? 
_cell.reciprocal_angle_beta        ? 
_cell.reciprocal_angle_gamma       ? 
_cell.reciprocal_angle_alpha_esd   ? 
_cell.reciprocal_angle_beta_esd    ? 
_cell.reciprocal_angle_gamma_esd   ? 
_cell.reciprocal_length_a          ? 
_cell.reciprocal_length_b          ? 
_cell.reciprocal_length_c          ? 
_cell.reciprocal_length_a_esd      ? 
_cell.reciprocal_length_b_esd      ? 
_cell.reciprocal_length_c_esd      ? 
_cell.pdbx_unique_axis             ? 
_cell.pdbx_esd_method              ? 
# 
_symmetry.entry_id                         8AMI 
_symmetry.cell_setting                     ? 
_symmetry.Int_Tables_number                96 
_symmetry.space_group_name_Hall            'P 4nw 2abw' 
_symmetry.space_group_name_H-M             'P 43 21 2' 
_symmetry.pdbx_full_space_group_name_H-M   ? 
# 
_exptl.absorpt_coefficient_mu     ? 
_exptl.absorpt_correction_T_max   ? 
_exptl.absorpt_correction_T_min   ? 
_exptl.absorpt_correction_type    ? 
_exptl.absorpt_process_details    ? 
_exptl.entry_id                   8AMI 
_exptl.crystals_number            1 
_exptl.details                    ? 
_exptl.method                     'X-RAY DIFFRACTION' 
_exptl.method_details             ? 
# 
_exptl_crystal.colour                       ? 
_exptl_crystal.density_diffrn               ? 
_exptl_crystal.density_Matthews             2.06 
_exptl_crystal.density_method               ? 
_exptl_crystal.density_percent_sol          40.27 
_exptl_crystal.description                  ? 
_exptl_crystal.F_000                        ? 
_exptl_crystal.id                           1 
_exptl_crystal.preparation                  ? 
_exptl_crystal.size_max                     ? 
_exptl_crystal.size_mid                     ? 
_exptl_crystal.size_min                     ? 
_exptl_crystal.size_rad                     ? 
_exptl_crystal.colour_lustre                ? 
_exptl_crystal.colour_modifier              ? 
_exptl_crystal.colour_primary               ? 
_exptl_crystal.density_meas                 ? 
_exptl_crystal.density_meas_esd             ? 
_exptl_crystal.density_meas_gt              ? 
_exptl_crystal.density_meas_lt              ? 
_exptl_crystal.density_meas_temp            ? 
_exptl_crystal.density_meas_temp_esd        ? 
_exptl_crystal.density_meas_temp_gt         ? 
_exptl_crystal.density_meas_temp_lt         ? 
_exptl_crystal.pdbx_crystal_image_url       ? 
_exptl_crystal.pdbx_crystal_image_format    ? 
_exptl_crystal.pdbx_mosaicity               ? 
_exptl_crystal.pdbx_mosaicity_esd           ? 
_exptl_crystal.pdbx_mosaic_method           ? 
_exptl_crystal.pdbx_mosaic_block_size       ? 
_exptl_crystal.pdbx_mosaic_block_size_esd   ? 
# 
_exptl_crystal_grow.apparatus       ? 
_exptl_crystal_grow.atmosphere      ? 
_exptl_crystal_grow.crystal_id      1 
_exptl_crystal_grow.details         ? 
_exptl_crystal_grow.method          'VAPOR DIFFUSION, SITTING DROP' 
_exptl_crystal_grow.method_ref      ? 
_exptl_crystal_grow.pH              6.0 
_exptl_crystal_grow.pressure        ? 
_exptl_crystal_grow.pressure_esd    ? 
_exptl_crystal_grow.seeding         ? 
_exptl_crystal_grow.seeding_ref     ? 
_exptl_crystal_grow.temp            292 
_exptl_crystal_grow.temp_details    ? 
_exptl_crystal_grow.temp_esd        ? 
_exptl_crystal_grow.time            ? 
_exptl_crystal_grow.pdbx_details    
;0.08 M NaCl 
0.02 M BaCl2 
0.04 M cacodylate sodium
45% MPD 
0.012 M spermine
;
_exptl_crystal_grow.pdbx_pH_range   ? 
# 
_diffrn.ambient_environment              ? 
_diffrn.ambient_temp                     100 
_diffrn.ambient_temp_details             ? 
_diffrn.ambient_temp_esd                 ? 
_diffrn.crystal_id                       1 
_diffrn.crystal_support                  ? 
_diffrn.crystal_treatment                ? 
_diffrn.details                          ? 
_diffrn.id                               1 
_diffrn.ambient_pressure                 ? 
_diffrn.ambient_pressure_esd             ? 
_diffrn.ambient_pressure_gt              ? 
_diffrn.ambient_pressure_lt              ? 
_diffrn.ambient_temp_gt                  ? 
_diffrn.ambient_temp_lt                  ? 
_diffrn.pdbx_serial_crystal_experiment   N 
# 
_diffrn_detector.details                      ? 
_diffrn_detector.detector                     CCD 
_diffrn_detector.diffrn_id                    1 
_diffrn_detector.type                         'MARMOSAIC 225 mm CCD' 
_diffrn_detector.area_resol_mean              ? 
_diffrn_detector.dtime                        ? 
_diffrn_detector.pdbx_frames_total            ? 
_diffrn_detector.pdbx_collection_time_total   ? 
_diffrn_detector.pdbx_collection_date         2016-08-27 
_diffrn_detector.pdbx_frequency               ? 
# 
_diffrn_radiation.collimation                      ? 
_diffrn_radiation.diffrn_id                        1 
_diffrn_radiation.filter_edge                      ? 
_diffrn_radiation.inhomogeneity                    ? 
_diffrn_radiation.monochromator                    ? 
_diffrn_radiation.polarisn_norm                    ? 
_diffrn_radiation.polarisn_ratio                   ? 
_diffrn_radiation.probe                            ? 
_diffrn_radiation.type                             ? 
_diffrn_radiation.xray_symbol                      ? 
_diffrn_radiation.wavelength_id                    1 
_diffrn_radiation.pdbx_monochromatic_or_laue_m_l   M 
_diffrn_radiation.pdbx_wavelength_list             ? 
_diffrn_radiation.pdbx_wavelength                  ? 
_diffrn_radiation.pdbx_diffrn_protocol             'SINGLE WAVELENGTH' 
_diffrn_radiation.pdbx_analyzer                    ? 
_diffrn_radiation.pdbx_scattering_type             x-ray 
# 
_diffrn_radiation_wavelength.id           1 
_diffrn_radiation_wavelength.wavelength   0.895 
_diffrn_radiation_wavelength.wt           1.0 
# 
_diffrn_source.current                     ? 
_diffrn_source.details                     ? 
_diffrn_source.diffrn_id                   1 
_diffrn_source.power                       ? 
_diffrn_source.size                        ? 
_diffrn_source.source                      SYNCHROTRON 
_diffrn_source.target                      ? 
_diffrn_source.type                        'BESSY BEAMLINE 14.3' 
_diffrn_source.voltage                     ? 
_diffrn_source.take-off_angle              ? 
_diffrn_source.pdbx_wavelength_list        0.895 
_diffrn_source.pdbx_wavelength             ? 
_diffrn_source.pdbx_synchrotron_beamline   14.3 
_diffrn_source.pdbx_synchrotron_site       BESSY 
# 
_reflns.B_iso_Wilson_estimate                          21.67 
_reflns.entry_id                                       8AMI 
_reflns.data_reduction_details                         ? 
_reflns.data_reduction_method                          ? 
_reflns.d_resolution_high                              1.79 
_reflns.d_resolution_low                               31.5 
_reflns.details                                        ? 
_reflns.limit_h_max                                    ? 
_reflns.limit_h_min                                    ? 
_reflns.limit_k_max                                    ? 
_reflns.limit_k_min                                    ? 
_reflns.limit_l_max                                    ? 
_reflns.limit_l_min                                    ? 
_reflns.number_all                                     ? 
_reflns.number_obs                                     8634 
_reflns.observed_criterion                             ? 
_reflns.observed_criterion_F_max                       ? 
_reflns.observed_criterion_F_min                       ? 
_reflns.observed_criterion_I_max                       ? 
_reflns.observed_criterion_I_min                       ? 
_reflns.observed_criterion_sigma_F                     ? 
_reflns.observed_criterion_sigma_I                     ? 
_reflns.percent_possible_obs                           99.7 
_reflns.R_free_details                                 ? 
_reflns.Rmerge_F_all                                   ? 
_reflns.Rmerge_F_obs                                   ? 
_reflns.Friedel_coverage                               ? 
_reflns.number_gt                                      ? 
_reflns.threshold_expression                           ? 
_reflns.pdbx_redundancy                                4.6 
_reflns.pdbx_Rmerge_I_obs                              0.09 
_reflns.pdbx_Rmerge_I_all                              ? 
_reflns.pdbx_Rsym_value                                ? 
_reflns.pdbx_netI_over_av_sigmaI                       ? 
_reflns.pdbx_netI_over_sigmaI                          11.49 
_reflns.pdbx_res_netI_over_av_sigmaI_2                 ? 
_reflns.pdbx_res_netI_over_sigmaI_2                    ? 
_reflns.pdbx_chi_squared                               ? 
_reflns.pdbx_scaling_rejects                           ? 
_reflns.pdbx_d_res_high_opt                            ? 
_reflns.pdbx_d_res_low_opt                             ? 
_reflns.pdbx_d_res_opt_method                          ? 
_reflns.phase_calculation_details                      ? 
_reflns.pdbx_Rrim_I_all                                ? 
_reflns.pdbx_Rpim_I_all                                ? 
_reflns.pdbx_d_opt                                     ? 
_reflns.pdbx_number_measured_all                       ? 
_reflns.pdbx_diffrn_id                                 1 
_reflns.pdbx_ordinal                                   1 
_reflns.pdbx_CC_half                                   0.998 
_reflns.pdbx_CC_star                                   ? 
_reflns.pdbx_R_split                                   ? 
_reflns.pdbx_aniso_diffraction_limit_axis_1_ortho[1]   ? 
_reflns.pdbx_aniso_diffraction_limit_axis_1_ortho[2]   ? 
_reflns.pdbx_aniso_diffraction_limit_axis_1_ortho[3]   ? 
_reflns.pdbx_aniso_diffraction_limit_axis_2_ortho[1]   ? 
_reflns.pdbx_aniso_diffraction_limit_axis_2_ortho[2]   ? 
_reflns.pdbx_aniso_diffraction_limit_axis_2_ortho[3]   ? 
_reflns.pdbx_aniso_diffraction_limit_axis_3_ortho[1]   ? 
_reflns.pdbx_aniso_diffraction_limit_axis_3_ortho[2]   ? 
_reflns.pdbx_aniso_diffraction_limit_axis_3_ortho[3]   ? 
_reflns.pdbx_aniso_diffraction_limit_1                 ? 
_reflns.pdbx_aniso_diffraction_limit_2                 ? 
_reflns.pdbx_aniso_diffraction_limit_3                 ? 
_reflns.pdbx_aniso_B_tensor_eigenvector_1_ortho[1]     ? 
_reflns.pdbx_aniso_B_tensor_eigenvector_1_ortho[2]     ? 
_reflns.pdbx_aniso_B_tensor_eigenvector_1_ortho[3]     ? 
_reflns.pdbx_aniso_B_tensor_eigenvector_2_ortho[1]     ? 
_reflns.pdbx_aniso_B_tensor_eigenvector_2_ortho[2]     ? 
_reflns.pdbx_aniso_B_tensor_eigenvector_2_ortho[3]     ? 
_reflns.pdbx_aniso_B_tensor_eigenvector_3_ortho[1]     ? 
_reflns.pdbx_aniso_B_tensor_eigenvector_3_ortho[2]     ? 
_reflns.pdbx_aniso_B_tensor_eigenvector_3_ortho[3]     ? 
_reflns.pdbx_aniso_B_tensor_eigenvalue_1               ? 
_reflns.pdbx_aniso_B_tensor_eigenvalue_2               ? 
_reflns.pdbx_aniso_B_tensor_eigenvalue_3               ? 
_reflns.pdbx_orthogonalization_convention              ? 
_reflns.pdbx_percent_possible_ellipsoidal              ? 
_reflns.pdbx_percent_possible_spherical                ? 
_reflns.pdbx_percent_possible_ellipsoidal_anomalous    ? 
_reflns.pdbx_percent_possible_spherical_anomalous      ? 
_reflns.pdbx_redundancy_anomalous                      ? 
_reflns.pdbx_CC_half_anomalous                         ? 
_reflns.pdbx_absDiff_over_sigma_anomalous              ? 
_reflns.pdbx_percent_possible_anomalous                ? 
_reflns.pdbx_observed_signal_threshold                 ? 
_reflns.pdbx_signal_type                               ? 
_reflns.pdbx_signal_details                            ? 
_reflns.pdbx_signal_software_id                        ? 
_reflns.pdbx_CC_split_method                           ? 
# 
_reflns_shell.d_res_high                                    1.79 
_reflns_shell.d_res_low                                     1.90 
_reflns_shell.meanI_over_sigI_all                           ? 
_reflns_shell.meanI_over_sigI_obs                           1.89 
_reflns_shell.number_measured_all                           ? 
_reflns_shell.number_measured_obs                           ? 
_reflns_shell.number_possible                               ? 
_reflns_shell.number_unique_all                             ? 
_reflns_shell.number_unique_obs                             1386 
_reflns_shell.percent_possible_all                          ? 
_reflns_shell.percent_possible_obs                          ? 
_reflns_shell.Rmerge_F_all                                  ? 
_reflns_shell.Rmerge_F_obs                                  ? 
_reflns_shell.Rmerge_I_all                                  ? 
_reflns_shell.Rmerge_I_obs                                  0.816 
_reflns_shell.meanI_over_sigI_gt                            ? 
_reflns_shell.meanI_over_uI_all                             ? 
_reflns_shell.meanI_over_uI_gt                              ? 
_reflns_shell.number_measured_gt                            ? 
_reflns_shell.number_unique_gt                              ? 
_reflns_shell.percent_possible_gt                           ? 
_reflns_shell.Rmerge_F_gt                                   ? 
_reflns_shell.Rmerge_I_gt                                   ? 
_reflns_shell.pdbx_redundancy                               ? 
_reflns_shell.pdbx_Rsym_value                               ? 
_reflns_shell.pdbx_chi_squared                              ? 
_reflns_shell.pdbx_netI_over_sigmaI_all                     ? 
_reflns_shell.pdbx_netI_over_sigmaI_obs                     ? 
_reflns_shell.pdbx_Rrim_I_all                               ? 
_reflns_shell.pdbx_Rpim_I_all                               ? 
_reflns_shell.pdbx_rejects                                  ? 
_reflns_shell.pdbx_ordinal                                  1 
_reflns_shell.pdbx_diffrn_id                                1 
_reflns_shell.pdbx_CC_half                                  0.72 
_reflns_shell.pdbx_CC_star                                  ? 
_reflns_shell.pdbx_R_split                                  ? 
_reflns_shell.pdbx_percent_possible_ellipsoidal             ? 
_reflns_shell.pdbx_percent_possible_spherical               ? 
_reflns_shell.pdbx_percent_possible_ellipsoidal_anomalous   ? 
_reflns_shell.pdbx_percent_possible_spherical_anomalous     ? 
_reflns_shell.pdbx_redundancy_anomalous                     ? 
_reflns_shell.pdbx_CC_half_anomalous                        ? 
_reflns_shell.pdbx_absDiff_over_sigma_anomalous             ? 
_reflns_shell.pdbx_percent_possible_anomalous               ? 
# 
_refine.aniso_B[1][1]                            ? 
_refine.aniso_B[1][2]                            ? 
_refine.aniso_B[1][3]                            ? 
_refine.aniso_B[2][2]                            ? 
_refine.aniso_B[2][3]                            ? 
_refine.aniso_B[3][3]                            ? 
_refine.B_iso_max                                ? 
_refine.B_iso_mean                               27.47 
_refine.B_iso_min                                ? 
_refine.correlation_coeff_Fo_to_Fc               ? 
_refine.correlation_coeff_Fo_to_Fc_free          ? 
_refine.details                                  ? 
_refine.diff_density_max                         ? 
_refine.diff_density_max_esd                     ? 
_refine.diff_density_min                         ? 
_refine.diff_density_min_esd                     ? 
_refine.diff_density_rms                         ? 
_refine.diff_density_rms_esd                     ? 
_refine.entry_id                                 8AMI 
_refine.pdbx_refine_id                           'X-RAY DIFFRACTION' 
_refine.ls_abs_structure_details                 ? 
_refine.ls_abs_structure_Flack                   ? 
_refine.ls_abs_structure_Flack_esd               ? 
_refine.ls_abs_structure_Rogers                  ? 
_refine.ls_abs_structure_Rogers_esd              ? 
_refine.ls_d_res_high                            1.79 
_refine.ls_d_res_low                             31.46 
_refine.ls_extinction_coef                       ? 
_refine.ls_extinction_coef_esd                   ? 
_refine.ls_extinction_expression                 ? 
_refine.ls_extinction_method                     ? 
_refine.ls_goodness_of_fit_all                   ? 
_refine.ls_goodness_of_fit_all_esd               ? 
_refine.ls_goodness_of_fit_obs                   ? 
_refine.ls_goodness_of_fit_obs_esd               ? 
_refine.ls_hydrogen_treatment                    ? 
_refine.ls_matrix_type                           ? 
_refine.ls_number_constraints                    ? 
_refine.ls_number_parameters                     ? 
_refine.ls_number_reflns_all                     ? 
_refine.ls_number_reflns_obs                     8629 
_refine.ls_number_reflns_R_free                  428 
_refine.ls_number_reflns_R_work                  8201 
_refine.ls_number_restraints                     ? 
_refine.ls_percent_reflns_obs                    99.63 
_refine.ls_percent_reflns_R_free                 4.96 
_refine.ls_R_factor_all                          ? 
_refine.ls_R_factor_obs                          0.1850 
_refine.ls_R_factor_R_free                       0.2361 
_refine.ls_R_factor_R_free_error                 ? 
_refine.ls_R_factor_R_free_error_details         ? 
_refine.ls_R_factor_R_work                       0.1825 
_refine.ls_R_Fsqd_factor_obs                     ? 
_refine.ls_R_I_factor_obs                        ? 
_refine.ls_redundancy_reflns_all                 ? 
_refine.ls_redundancy_reflns_obs                 ? 
_refine.ls_restrained_S_all                      ? 
_refine.ls_restrained_S_obs                      ? 
_refine.ls_shift_over_esd_max                    ? 
_refine.ls_shift_over_esd_mean                   ? 
_refine.ls_structure_factor_coef                 ? 
_refine.ls_weighting_details                     ? 
_refine.ls_weighting_scheme                      ? 
_refine.ls_wR_factor_all                         ? 
_refine.ls_wR_factor_obs                         ? 
_refine.ls_wR_factor_R_free                      ? 
_refine.ls_wR_factor_R_work                      ? 
_refine.occupancy_max                            ? 
_refine.occupancy_min                            ? 
_refine.solvent_model_details                    'FLAT BULK SOLVENT MODEL' 
_refine.solvent_model_param_bsol                 ? 
_refine.solvent_model_param_ksol                 ? 
_refine.pdbx_R_complete                          ? 
_refine.ls_R_factor_gt                           ? 
_refine.ls_goodness_of_fit_gt                    ? 
_refine.ls_goodness_of_fit_ref                   ? 
_refine.ls_shift_over_su_max                     ? 
_refine.ls_shift_over_su_max_lt                  ? 
_refine.ls_shift_over_su_mean                    ? 
_refine.ls_shift_over_su_mean_lt                 ? 
_refine.pdbx_ls_sigma_I                          ? 
_refine.pdbx_ls_sigma_F                          1.34 
_refine.pdbx_ls_sigma_Fsqd                       ? 
_refine.pdbx_data_cutoff_high_absF               ? 
_refine.pdbx_data_cutoff_high_rms_absF           ? 
_refine.pdbx_data_cutoff_low_absF                ? 
_refine.pdbx_isotropic_thermal_model             ? 
_refine.pdbx_ls_cross_valid_method               'FREE R-VALUE' 
_refine.pdbx_method_to_determine_struct          'MOLECULAR REPLACEMENT' 
_refine.pdbx_starting_model                      8AMG 
_refine.pdbx_stereochemistry_target_values       'GeoStd + Monomer Library + CDL v1.2' 
_refine.pdbx_R_Free_selection_details            ? 
_refine.pdbx_stereochem_target_val_spec_case     ? 
_refine.pdbx_overall_ESU_R                       ? 
_refine.pdbx_overall_ESU_R_Free                  ? 
_refine.pdbx_solvent_vdw_probe_radii             1.1100 
_refine.pdbx_solvent_ion_probe_radii             ? 
_refine.pdbx_solvent_shrinkage_radii             0.9000 
_refine.pdbx_real_space_R                        ? 
_refine.pdbx_density_correlation                 ? 
_refine.pdbx_pd_number_of_powder_patterns        ? 
_refine.pdbx_pd_number_of_points                 ? 
_refine.pdbx_pd_meas_number_of_points            ? 
_refine.pdbx_pd_proc_ls_prof_R_factor            ? 
_refine.pdbx_pd_proc_ls_prof_wR_factor           ? 
_refine.pdbx_pd_Marquardt_correlation_coeff      ? 
_refine.pdbx_pd_Fsqrd_R_factor                   ? 
_refine.pdbx_pd_ls_matrix_band_width             ? 
_refine.pdbx_overall_phase_error                 25.1995 
_refine.pdbx_overall_SU_R_free_Cruickshank_DPI   ? 
_refine.pdbx_overall_SU_R_free_Blow_DPI          ? 
_refine.pdbx_overall_SU_R_Blow_DPI               ? 
_refine.pdbx_TLS_residual_ADP_flag               ? 
_refine.pdbx_diffrn_id                           1 
_refine.overall_SU_B                             ? 
_refine.overall_SU_ML                            0.2192 
_refine.overall_SU_R_Cruickshank_DPI             ? 
_refine.overall_SU_R_free                        ? 
_refine.overall_FOM_free_R_set                   ? 
_refine.overall_FOM_work_R_set                   ? 
_refine.pdbx_average_fsc_overall                 ? 
_refine.pdbx_average_fsc_work                    ? 
_refine.pdbx_average_fsc_free                    ? 
# 
_refine_hist.pdbx_refine_id                   'X-RAY DIFFRACTION' 
_refine_hist.cycle_id                         LAST 
_refine_hist.details                          ? 
_refine_hist.d_res_high                       1.79 
_refine_hist.d_res_low                        31.46 
_refine_hist.number_atoms_solvent             42 
_refine_hist.number_atoms_total               425 
_refine_hist.number_reflns_all                ? 
_refine_hist.number_reflns_obs                ? 
_refine_hist.number_reflns_R_free             ? 
_refine_hist.number_reflns_R_work             ? 
_refine_hist.R_factor_all                     ? 
_refine_hist.R_factor_obs                     ? 
_refine_hist.R_factor_R_free                  ? 
_refine_hist.R_factor_R_work                  ? 
_refine_hist.pdbx_number_residues_total       ? 
_refine_hist.pdbx_B_iso_mean_ligand           ? 
_refine_hist.pdbx_B_iso_mean_solvent          ? 
_refine_hist.pdbx_number_atoms_protein        0 
_refine_hist.pdbx_number_atoms_nucleic_acid   380 
_refine_hist.pdbx_number_atoms_ligand         3 
_refine_hist.pdbx_number_atoms_lipid          ? 
_refine_hist.pdbx_number_atoms_carb           ? 
_refine_hist.pdbx_pseudo_atom_details         ? 
# 
loop_
_refine_ls_restr.pdbx_refine_id 
_refine_ls_restr.criterion 
_refine_ls_restr.dev_ideal 
_refine_ls_restr.dev_ideal_target 
_refine_ls_restr.number 
_refine_ls_restr.rejects 
_refine_ls_restr.type 
_refine_ls_restr.weight 
_refine_ls_restr.pdbx_restraint_function 
'X-RAY DIFFRACTION' ? 0.0050  ? 451 ? f_bond_d           ? ? 
'X-RAY DIFFRACTION' ? 0.9307  ? 703 ? f_angle_d          ? ? 
'X-RAY DIFFRACTION' ? 0.0367  ? 93  ? f_chiral_restr     ? ? 
'X-RAY DIFFRACTION' ? 0.0065  ? 19  ? f_plane_restr      ? ? 
'X-RAY DIFFRACTION' ? 10.3616 ? 223 ? f_dihedral_angle_d ? ? 
# 
loop_
_refine_ls_shell.pdbx_refine_id 
_refine_ls_shell.d_res_high 
_refine_ls_shell.d_res_low 
_refine_ls_shell.number_reflns_all 
_refine_ls_shell.number_reflns_obs 
_refine_ls_shell.number_reflns_R_free 
_refine_ls_shell.number_reflns_R_work 
_refine_ls_shell.percent_reflns_obs 
_refine_ls_shell.percent_reflns_R_free 
_refine_ls_shell.R_factor_all 
_refine_ls_shell.R_factor_obs 
_refine_ls_shell.R_factor_R_free 
_refine_ls_shell.R_factor_R_free_error 
_refine_ls_shell.R_factor_R_work 
_refine_ls_shell.redundancy_reflns_all 
_refine_ls_shell.redundancy_reflns_obs 
_refine_ls_shell.wR_factor_all 
_refine_ls_shell.wR_factor_obs 
_refine_ls_shell.wR_factor_R_free 
_refine_ls_shell.wR_factor_R_work 
_refine_ls_shell.pdbx_R_complete 
_refine_ls_shell.pdbx_total_number_of_bins_used 
_refine_ls_shell.pdbx_phase_error 
_refine_ls_shell.pdbx_fsc_work 
_refine_ls_shell.pdbx_fsc_free 
'X-RAY DIFFRACTION' 1.79 2.05  . . 142 2726 99.31 . . . 0.3093 . 0.2389 . . . . . . . . . . . 
'X-RAY DIFFRACTION' 2.05 2.58  . . 139 2738 99.93 . . . 0.2817 . 0.1990 . . . . . . . . . . . 
'X-RAY DIFFRACTION' 2.58 31.46 . . 147 2737 99.65 . . . 0.1992 . 0.1610 . . . . . . . . . . . 
# 
_struct.entry_id                     8AMI 
_struct.title                        'Crystal structure of AUGUGGCAU duplex with barium ions (model 2)' 
_struct.pdbx_model_details           ? 
_struct.pdbx_formula_weight          ? 
_struct.pdbx_formula_weight_method   ? 
_struct.pdbx_model_type_details      ? 
_struct.pdbx_CASP_flag               N 
# 
_struct_keywords.entry_id        8AMI 
_struct_keywords.text            'UG wobble, Ba ions, RNA, UGG repeats' 
_struct_keywords.pdbx_keywords   RNA 
# 
loop_
_struct_asym.id 
_struct_asym.pdbx_blank_PDB_chainid_flag 
_struct_asym.pdbx_modified 
_struct_asym.entity_id 
_struct_asym.details 
A N N 1 ? 
B N N 1 ? 
C N N 2 ? 
D N N 2 ? 
E N N 3 ? 
F N N 4 ? 
G N N 4 ? 
# 
_struct_ref.id                         1 
_struct_ref.db_name                    PDB 
_struct_ref.db_code                    8AMI 
_struct_ref.pdbx_db_accession          8AMI 
_struct_ref.pdbx_db_isoform            ? 
_struct_ref.entity_id                  1 
_struct_ref.pdbx_seq_one_letter_code   ? 
_struct_ref.pdbx_align_begin           1 
# 
loop_
_struct_ref_seq.align_id 
_struct_ref_seq.ref_id 
_struct_ref_seq.pdbx_PDB_id_code 
_struct_ref_seq.pdbx_strand_id 
_struct_ref_seq.seq_align_beg 
_struct_ref_seq.pdbx_seq_align_beg_ins_code 
_struct_ref_seq.seq_align_end 
_struct_ref_seq.pdbx_seq_align_end_ins_code 
_struct_ref_seq.pdbx_db_accession 
_struct_ref_seq.db_align_beg 
_struct_ref_seq.pdbx_db_align_beg_ins_code 
_struct_ref_seq.db_align_end 
_struct_ref_seq.pdbx_db_align_end_ins_code 
_struct_ref_seq.pdbx_auth_seq_align_beg 
_struct_ref_seq.pdbx_auth_seq_align_end 
1 1 8AMI A 1 ? 9 ? 8AMI 1 ? 9 ? 1 9 
2 1 8AMI B 1 ? 9 ? 8AMI 1 ? 9 ? 1 9 
# 
_pdbx_struct_assembly.id                   1 
_pdbx_struct_assembly.details              author_defined_assembly 
_pdbx_struct_assembly.method_details       ? 
_pdbx_struct_assembly.oligomeric_details   dimeric 
_pdbx_struct_assembly.oligomeric_count     2 
# 
loop_
_pdbx_struct_assembly_prop.biol_id 
_pdbx_struct_assembly_prop.type 
_pdbx_struct_assembly_prop.value 
_pdbx_struct_assembly_prop.details 
1 'ABSA (A^2)' 1550 ? 
1 MORE         -34  ? 
1 'SSA (A^2)'  3160 ? 
# 
_pdbx_struct_assembly_gen.assembly_id       1 
_pdbx_struct_assembly_gen.oper_expression   1 
_pdbx_struct_assembly_gen.asym_id_list      A,B,C,D,E,F,G 
# 
_pdbx_struct_assembly_auth_evidence.id                     1 
_pdbx_struct_assembly_auth_evidence.assembly_id            1 
_pdbx_struct_assembly_auth_evidence.experimental_support   none 
_pdbx_struct_assembly_auth_evidence.details                ? 
# 
_pdbx_struct_oper_list.id                   1 
_pdbx_struct_oper_list.type                 'identity operation' 
_pdbx_struct_oper_list.name                 1_555 
_pdbx_struct_oper_list.symmetry_operation   x,y,z 
_pdbx_struct_oper_list.matrix[1][1]         1.0000000000 
_pdbx_struct_oper_list.matrix[1][2]         0.0000000000 
_pdbx_struct_oper_list.matrix[1][3]         0.0000000000 
_pdbx_struct_oper_list.vector[1]            0.0000000000 
_pdbx_struct_oper_list.matrix[2][1]         0.0000000000 
_pdbx_struct_oper_list.matrix[2][2]         1.0000000000 
_pdbx_struct_oper_list.matrix[2][3]         0.0000000000 
_pdbx_struct_oper_list.vector[2]            0.0000000000 
_pdbx_struct_oper_list.matrix[3][1]         0.0000000000 
_pdbx_struct_oper_list.matrix[3][2]         0.0000000000 
_pdbx_struct_oper_list.matrix[3][3]         1.0000000000 
_pdbx_struct_oper_list.vector[3]            0.0000000000 
# 
loop_
_struct_conn.id 
_struct_conn.conn_type_id 
_struct_conn.pdbx_leaving_atom_flag 
_struct_conn.pdbx_PDB_id 
_struct_conn.ptnr1_label_asym_id 
_struct_conn.ptnr1_label_comp_id 
_struct_conn.ptnr1_label_seq_id 
_struct_conn.ptnr1_label_atom_id 
_struct_conn.pdbx_ptnr1_label_alt_id 
_struct_conn.pdbx_ptnr1_PDB_ins_code 
_struct_conn.pdbx_ptnr1_standard_comp_id 
_struct_conn.ptnr1_symmetry 
_struct_conn.ptnr2_label_asym_id 
_struct_conn.ptnr2_label_comp_id 
_struct_conn.ptnr2_label_seq_id 
_struct_conn.ptnr2_label_atom_id 
_struct_conn.pdbx_ptnr2_label_alt_id 
_struct_conn.pdbx_ptnr2_PDB_ins_code 
_struct_conn.ptnr1_auth_asym_id 
_struct_conn.ptnr1_auth_comp_id 
_struct_conn.ptnr1_auth_seq_id 
_struct_conn.ptnr2_auth_asym_id 
_struct_conn.ptnr2_auth_comp_id 
_struct_conn.ptnr2_auth_seq_id 
_struct_conn.ptnr2_symmetry 
_struct_conn.pdbx_ptnr3_label_atom_id 
_struct_conn.pdbx_ptnr3_label_seq_id 
_struct_conn.pdbx_ptnr3_label_comp_id 
_struct_conn.pdbx_ptnr3_label_asym_id 
_struct_conn.pdbx_ptnr3_label_alt_id 
_struct_conn.pdbx_ptnr3_PDB_ins_code 
_struct_conn.details 
_struct_conn.pdbx_dist_value 
_struct_conn.pdbx_value_order 
_struct_conn.pdbx_role 
metalc1  metalc ? ? A G   3 O6 ? ? ? 1_555 D BA  . BA ? ? A G   3   B BA  101 1_555 ? ? ? ? ? ? ?            2.758 ? ? 
metalc2  metalc ? ? A U   4 O4 ? ? ? 1_555 D BA  . BA ? ? A U   4   B BA  101 1_555 ? ? ? ? ? ? ?            2.863 ? ? 
metalc3  metalc ? ? A G   5 O6 ? ? ? 1_555 C BA  . BA ? ? A G   5   A BA  101 1_555 ? ? ? ? ? ? ?            2.946 ? ? 
metalc4  metalc ? ? A G   5 O6 ? ? ? 1_555 E NA  . NA ? ? A G   5   B NA  102 1_555 ? ? ? ? ? ? ?            2.411 ? ? 
metalc5  metalc ? ? A G   6 O6 ? ? ? 1_555 C BA  . BA ? ? A G   6   A BA  101 1_555 ? ? ? ? ? ? ?            2.852 ? ? 
metalc6  metalc ? ? C BA  . BA ? ? ? 1_555 F HOH . O  ? ? A BA  101 A HOH 215 1_555 ? ? ? ? ? ? ?            2.735 ? ? 
metalc7  metalc ? ? C BA  . BA ? ? ? 1_555 F HOH . O  ? ? A BA  101 A HOH 216 1_555 ? ? ? ? ? ? ?            2.660 ? ? 
metalc8  metalc ? ? C BA  . BA ? ? ? 1_555 B G   3 O6 ? ? A BA  101 B G   3   1_555 ? ? ? ? ? ? ?            2.862 ? ? 
metalc9  metalc ? ? C BA  . BA ? ? ? 1_555 B U   4 O4 ? ? A BA  101 B U   4   1_555 ? ? ? ? ? ? ?            2.815 ? ? 
metalc10 metalc ? ? C BA  . BA ? ? ? 1_555 G HOH . O  ? ? A BA  101 B HOH 214 1_555 ? ? ? ? ? ? ?            2.671 ? ? 
metalc11 metalc ? ? C BA  . BA ? ? ? 1_555 G HOH . O  ? ? A BA  101 B HOH 217 1_555 ? ? ? ? ? ? ?            2.930 ? ? 
metalc12 metalc ? ? C BA  . BA ? ? ? 1_555 G HOH . O  ? ? A BA  101 B HOH 219 1_555 ? ? ? ? ? ? ?            2.867 ? ? 
metalc13 metalc ? ? F HOH . O  ? ? ? 1_555 E NA  . NA ? ? A HOH 202 B NA  102 1_555 ? ? ? ? ? ? ?            2.225 ? ? 
metalc14 metalc ? ? F HOH . O  ? ? ? 1_555 D BA  . BA ? ? A HOH 208 B BA  101 1_555 ? ? ? ? ? ? ?            2.832 ? ? 
metalc15 metalc ? ? F HOH . O  ? ? ? 1_555 D BA  . BA ? ? A HOH 212 B BA  101 1_555 ? ? ? ? ? ? ?            2.943 ? ? 
metalc16 metalc ? ? B G   5 O6 A ? ? 1_555 D BA  . BA ? ? B G   5   B BA  101 1_555 ? ? ? ? ? ? ?            2.887 ? ? 
metalc17 metalc ? ? B G   5 O6 B ? ? 1_555 D BA  . BA ? ? B G   5   B BA  101 1_555 ? ? ? ? ? ? ?            3.209 ? ? 
metalc18 metalc ? ? B G   5 O6 A ? ? 1_555 E NA  . NA ? ? B G   5   B NA  102 1_555 ? ? ? ? ? ? ?            2.740 ? ? 
metalc19 metalc ? ? B G   5 O6 B ? ? 1_555 E NA  . NA ? ? B G   5   B NA  102 1_555 ? ? ? ? ? ? ?            2.186 ? ? 
metalc20 metalc ? ? B G   6 O6 ? ? ? 1_555 D BA  . BA ? ? B G   6   B BA  101 1_555 ? ? ? ? ? ? ?            2.888 ? ? 
metalc21 metalc ? ? D BA  . BA ? ? ? 1_555 G HOH . O  ? ? B BA  101 B HOH 212 1_555 ? ? ? ? ? ? ?            2.714 ? ? 
metalc22 metalc ? ? D BA  . BA ? ? ? 1_555 G HOH . O  ? ? B BA  101 B HOH 215 1_555 ? ? ? ? ? ? ?            2.724 ? ? 
metalc23 metalc ? ? D BA  . BA ? ? ? 1_555 G HOH . O  ? ? B BA  101 B HOH 217 1_555 ? ? ? ? ? ? ?            2.855 ? ? 
hydrog1  hydrog ? ? A A   1 N1 ? ? ? 1_555 B U   9 N3 ? ? A A   1   B U   9   1_555 ? ? ? ? ? ? WATSON-CRICK ?     ? ? 
hydrog2  hydrog ? ? A A   1 N6 ? ? ? 1_555 B U   9 O4 ? ? A A   1   B U   9   1_555 ? ? ? ? ? ? WATSON-CRICK ?     ? ? 
hydrog3  hydrog ? ? A U   2 N3 ? ? ? 1_555 B A   8 N1 ? ? A U   2   B A   8   1_555 ? ? ? ? ? ? WATSON-CRICK ?     ? ? 
hydrog4  hydrog ? ? A U   2 O4 ? ? ? 1_555 B A   8 N6 ? ? A U   2   B A   8   1_555 ? ? ? ? ? ? WATSON-CRICK ?     ? ? 
hydrog5  hydrog ? ? A G   3 N1 ? ? ? 1_555 B C   7 N3 ? ? A G   3   B C   7   1_555 ? ? ? ? ? ? WATSON-CRICK ?     ? ? 
hydrog6  hydrog ? ? A G   3 N2 ? ? ? 1_555 B C   7 O2 ? ? A G   3   B C   7   1_555 ? ? ? ? ? ? WATSON-CRICK ?     ? ? 
hydrog7  hydrog ? ? A G   3 O6 ? ? ? 1_555 B C   7 N4 ? ? A G   3   B C   7   1_555 ? ? ? ? ? ? WATSON-CRICK ?     ? ? 
hydrog8  hydrog ? ? A U   4 N3 ? ? ? 1_555 B G   6 O6 ? ? A U   4   B G   6   1_555 ? ? ? ? ? ? TYPE_28_PAIR ?     ? ? 
hydrog9  hydrog ? ? A U   4 O2 ? ? ? 1_555 B G   6 N1 ? ? A U   4   B G   6   1_555 ? ? ? ? ? ? TYPE_28_PAIR ?     ? ? 
hydrog10 hydrog ? ? A G   6 N1 ? ? ? 1_555 B U   4 O2 ? ? A G   6   B U   4   1_555 ? ? ? ? ? ? TYPE_28_PAIR ?     ? ? 
hydrog11 hydrog ? ? A G   6 O6 ? ? ? 1_555 B U   4 N3 ? ? A G   6   B U   4   1_555 ? ? ? ? ? ? TYPE_28_PAIR ?     ? ? 
hydrog12 hydrog ? ? A C   7 N3 ? ? ? 1_555 B G   3 N1 ? ? A C   7   B G   3   1_555 ? ? ? ? ? ? WATSON-CRICK ?     ? ? 
hydrog13 hydrog ? ? A C   7 N4 ? ? ? 1_555 B G   3 O6 ? ? A C   7   B G   3   1_555 ? ? ? ? ? ? WATSON-CRICK ?     ? ? 
hydrog14 hydrog ? ? A C   7 O2 ? ? ? 1_555 B G   3 N2 ? ? A C   7   B G   3   1_555 ? ? ? ? ? ? WATSON-CRICK ?     ? ? 
hydrog15 hydrog ? ? A A   8 N1 ? ? ? 1_555 B U   2 N3 ? ? A A   8   B U   2   1_555 ? ? ? ? ? ? WATSON-CRICK ?     ? ? 
hydrog16 hydrog ? ? A A   8 N6 ? ? ? 1_555 B U   2 O4 ? ? A A   8   B U   2   1_555 ? ? ? ? ? ? WATSON-CRICK ?     ? ? 
hydrog17 hydrog ? ? A U   9 N3 ? ? ? 1_555 B A   1 N1 ? ? A U   9   B A   1   1_555 ? ? ? ? ? ? WATSON-CRICK ?     ? ? 
hydrog18 hydrog ? ? A U   9 O4 ? ? ? 1_555 B A   1 N6 ? ? A U   9   B A   1   1_555 ? ? ? ? ? ? WATSON-CRICK ?     ? ? 
# 
loop_
_struct_conn_type.id 
_struct_conn_type.criteria 
_struct_conn_type.reference 
metalc ? ? 
hydrog ? ? 
# 
loop_
_pdbx_struct_conn_angle.id 
_pdbx_struct_conn_angle.ptnr1_label_atom_id 
_pdbx_struct_conn_angle.ptnr1_label_alt_id 
_pdbx_struct_conn_angle.ptnr1_label_asym_id 
_pdbx_struct_conn_angle.ptnr1_label_comp_id 
_pdbx_struct_conn_angle.ptnr1_label_seq_id 
_pdbx_struct_conn_angle.ptnr1_auth_atom_id 
_pdbx_struct_conn_angle.ptnr1_auth_asym_id 
_pdbx_struct_conn_angle.ptnr1_auth_comp_id 
_pdbx_struct_conn_angle.ptnr1_auth_seq_id 
_pdbx_struct_conn_angle.ptnr1_PDB_ins_code 
_pdbx_struct_conn_angle.ptnr1_symmetry 
_pdbx_struct_conn_angle.ptnr2_label_atom_id 
_pdbx_struct_conn_angle.ptnr2_label_alt_id 
_pdbx_struct_conn_angle.ptnr2_label_asym_id 
_pdbx_struct_conn_angle.ptnr2_label_comp_id 
_pdbx_struct_conn_angle.ptnr2_label_seq_id 
_pdbx_struct_conn_angle.ptnr2_auth_atom_id 
_pdbx_struct_conn_angle.ptnr2_auth_asym_id 
_pdbx_struct_conn_angle.ptnr2_auth_comp_id 
_pdbx_struct_conn_angle.ptnr2_auth_seq_id 
_pdbx_struct_conn_angle.ptnr2_PDB_ins_code 
_pdbx_struct_conn_angle.ptnr2_symmetry 
_pdbx_struct_conn_angle.ptnr3_label_atom_id 
_pdbx_struct_conn_angle.ptnr3_label_alt_id 
_pdbx_struct_conn_angle.ptnr3_label_asym_id 
_pdbx_struct_conn_angle.ptnr3_label_comp_id 
_pdbx_struct_conn_angle.ptnr3_label_seq_id 
_pdbx_struct_conn_angle.ptnr3_auth_atom_id 
_pdbx_struct_conn_angle.ptnr3_auth_asym_id 
_pdbx_struct_conn_angle.ptnr3_auth_comp_id 
_pdbx_struct_conn_angle.ptnr3_auth_seq_id 
_pdbx_struct_conn_angle.ptnr3_PDB_ins_code 
_pdbx_struct_conn_angle.ptnr3_symmetry 
_pdbx_struct_conn_angle.value 
_pdbx_struct_conn_angle.value_esd 
1  O6 ? A G   3 ? A G   3   ? 1_555 BA ? D BA . ? B BA 101 ? 1_555 O4 ? A U   4 ? A U   4   ? 1_555 69.3  ? 
2  O6 ? A G   3 ? A G   3   ? 1_555 BA ? D BA . ? B BA 101 ? 1_555 O  ? F HOH . ? A HOH 208 ? 1_555 65.4  ? 
3  O4 ? A U   4 ? A U   4   ? 1_555 BA ? D BA . ? B BA 101 ? 1_555 O  ? F HOH . ? A HOH 208 ? 1_555 121.0 ? 
4  O6 ? A G   3 ? A G   3   ? 1_555 BA ? D BA . ? B BA 101 ? 1_555 O  ? F HOH . ? A HOH 212 ? 1_555 73.3  ? 
5  O4 ? A U   4 ? A U   4   ? 1_555 BA ? D BA . ? B BA 101 ? 1_555 O  ? F HOH . ? A HOH 212 ? 1_555 64.9  ? 
6  O  ? F HOH . ? A HOH 208 ? 1_555 BA ? D BA . ? B BA 101 ? 1_555 O  ? F HOH . ? A HOH 212 ? 1_555 67.4  ? 
7  O6 ? A G   3 ? A G   3   ? 1_555 BA ? D BA . ? B BA 101 ? 1_555 O6 A B G   5 ? B G   5   ? 1_555 141.8 ? 
8  O4 ? A U   4 ? A U   4   ? 1_555 BA ? D BA . ? B BA 101 ? 1_555 O6 A B G   5 ? B G   5   ? 1_555 107.6 ? 
9  O  ? F HOH . ? A HOH 208 ? 1_555 BA ? D BA . ? B BA 101 ? 1_555 O6 A B G   5 ? B G   5   ? 1_555 131.4 ? 
10 O  ? F HOH . ? A HOH 212 ? 1_555 BA ? D BA . ? B BA 101 ? 1_555 O6 A B G   5 ? B G   5   ? 1_555 141.9 ? 
11 O6 ? A G   3 ? A G   3   ? 1_555 BA ? D BA . ? B BA 101 ? 1_555 O6 B B G   5 ? B G   5   ? 1_555 128.5 ? 
12 O4 ? A U   4 ? A U   4   ? 1_555 BA ? D BA . ? B BA 101 ? 1_555 O6 B B G   5 ? B G   5   ? 1_555 105.8 ? 
13 O  ? F HOH . ? A HOH 208 ? 1_555 BA ? D BA . ? B BA 101 ? 1_555 O6 B B G   5 ? B G   5   ? 1_555 131.7 ? 
14 O  ? F HOH . ? A HOH 212 ? 1_555 BA ? D BA . ? B BA 101 ? 1_555 O6 B B G   5 ? B G   5   ? 1_555 153.6 ? 
15 O6 A B G   5 ? B G   5   ? 1_555 BA ? D BA . ? B BA 101 ? 1_555 O6 B B G   5 ? B G   5   ? 1_555 13.4  ? 
16 O6 ? A G   3 ? A G   3   ? 1_555 BA ? D BA . ? B BA 101 ? 1_555 O6 ? B G   6 ? B G   6   ? 1_555 62.0  ? 
17 O4 ? A U   4 ? A U   4   ? 1_555 BA ? D BA . ? B BA 101 ? 1_555 O6 ? B G   6 ? B G   6   ? 1_555 73.8  ? 
18 O  ? F HOH . ? A HOH 208 ? 1_555 BA ? D BA . ? B BA 101 ? 1_555 O6 ? B G   6 ? B G   6   ? 1_555 112.8 ? 
19 O  ? F HOH . ? A HOH 212 ? 1_555 BA ? D BA . ? B BA 101 ? 1_555 O6 ? B G   6 ? B G   6   ? 1_555 127.2 ? 
20 O6 A B G   5 ? B G   5   ? 1_555 BA ? D BA . ? B BA 101 ? 1_555 O6 ? B G   6 ? B G   6   ? 1_555 80.3  ? 
21 O6 B B G   5 ? B G   5   ? 1_555 BA ? D BA . ? B BA 101 ? 1_555 O6 ? B G   6 ? B G   6   ? 1_555 67.4  ? 
22 O6 ? A G   3 ? A G   3   ? 1_555 BA ? D BA . ? B BA 101 ? 1_555 O  ? G HOH . ? B HOH 212 ? 1_555 92.5  ? 
23 O4 ? A U   4 ? A U   4   ? 1_555 BA ? D BA . ? B BA 101 ? 1_555 O  ? G HOH . ? B HOH 212 ? 1_555 149.7 ? 
24 O  ? F HOH . ? A HOH 208 ? 1_555 BA ? D BA . ? B BA 101 ? 1_555 O  ? G HOH . ? B HOH 212 ? 1_555 67.2  ? 
25 O  ? F HOH . ? A HOH 212 ? 1_555 BA ? D BA . ? B BA 101 ? 1_555 O  ? G HOH . ? B HOH 212 ? 1_555 134.3 ? 
26 O6 A B G   5 ? B G   5   ? 1_555 BA ? D BA . ? B BA 101 ? 1_555 O  ? G HOH . ? B HOH 212 ? 1_555 71.6  ? 
27 O6 B B G   5 ? B G   5   ? 1_555 BA ? D BA . ? B BA 101 ? 1_555 O  ? G HOH . ? B HOH 212 ? 1_555 66.2  ? 
28 O6 ? B G   6 ? B G   6   ? 1_555 BA ? D BA . ? B BA 101 ? 1_555 O  ? G HOH . ? B HOH 212 ? 1_555 76.3  ? 
29 O6 ? A G   3 ? A G   3   ? 1_555 BA ? D BA . ? B BA 101 ? 1_555 O  ? G HOH . ? B HOH 215 ? 1_555 139.5 ? 
30 O4 ? A U   4 ? A U   4   ? 1_555 BA ? D BA . ? B BA 101 ? 1_555 O  ? G HOH . ? B HOH 215 ? 1_555 133.8 ? 
31 O  ? F HOH . ? A HOH 208 ? 1_555 BA ? D BA . ? B BA 101 ? 1_555 O  ? G HOH . ? B HOH 215 ? 1_555 74.4  ? 
32 O  ? F HOH . ? A HOH 212 ? 1_555 BA ? D BA . ? B BA 101 ? 1_555 O  ? G HOH . ? B HOH 215 ? 1_555 87.6  ? 
33 O6 A B G   5 ? B G   5   ? 1_555 BA ? D BA . ? B BA 101 ? 1_555 O  ? G HOH . ? B HOH 215 ? 1_555 71.3  ? 
34 O6 B B G   5 ? B G   5   ? 1_555 BA ? D BA . ? B BA 101 ? 1_555 O  ? G HOH . ? B HOH 215 ? 1_555 82.3  ? 
35 O6 ? B G   6 ? B G   6   ? 1_555 BA ? D BA . ? B BA 101 ? 1_555 O  ? G HOH . ? B HOH 215 ? 1_555 145.0 ? 
36 O  ? G HOH . ? B HOH 212 ? 1_555 BA ? D BA . ? B BA 101 ? 1_555 O  ? G HOH . ? B HOH 215 ? 1_555 75.7  ? 
37 O6 ? A G   3 ? A G   3   ? 1_555 BA ? D BA . ? B BA 101 ? 1_555 O  ? G HOH . ? B HOH 217 ? 1_555 132.8 ? 
38 O4 ? A U   4 ? A U   4   ? 1_555 BA ? D BA . ? B BA 101 ? 1_555 O  ? G HOH . ? B HOH 217 ? 1_555 71.9  ? 
39 O  ? F HOH . ? A HOH 208 ? 1_555 BA ? D BA . ? B BA 101 ? 1_555 O  ? G HOH . ? B HOH 217 ? 1_555 116.9 ? 
40 O  ? F HOH . ? A HOH 212 ? 1_555 BA ? D BA . ? B BA 101 ? 1_555 O  ? G HOH . ? B HOH 217 ? 1_555 66.5  ? 
41 O6 A B G   5 ? B G   5   ? 1_555 BA ? D BA . ? B BA 101 ? 1_555 O  ? G HOH . ? B HOH 217 ? 1_555 75.7  ? 
42 O6 B B G   5 ? B G   5   ? 1_555 BA ? D BA . ? B BA 101 ? 1_555 O  ? G HOH . ? B HOH 217 ? 1_555 87.2  ? 
43 O6 ? B G   6 ? B G   6   ? 1_555 BA ? D BA . ? B BA 101 ? 1_555 O  ? G HOH . ? B HOH 217 ? 1_555 129.1 ? 
44 O  ? G HOH . ? B HOH 212 ? 1_555 BA ? D BA . ? B BA 101 ? 1_555 O  ? G HOH . ? B HOH 217 ? 1_555 133.5 ? 
45 O  ? G HOH . ? B HOH 215 ? 1_555 BA ? D BA . ? B BA 101 ? 1_555 O  ? G HOH . ? B HOH 217 ? 1_555 63.0  ? 
46 O6 ? A G   5 ? A G   5   ? 1_555 BA ? C BA . ? A BA 101 ? 1_555 O6 ? A G   6 ? A G   6   ? 1_555 82.3  ? 
47 O6 ? A G   5 ? A G   5   ? 1_555 BA ? C BA . ? A BA 101 ? 1_555 O  ? F HOH . ? A HOH 215 ? 1_555 66.0  ? 
48 O6 ? A G   6 ? A G   6   ? 1_555 BA ? C BA . ? A BA 101 ? 1_555 O  ? F HOH . ? A HOH 215 ? 1_555 79.1  ? 
49 O6 ? A G   5 ? A G   5   ? 1_555 BA ? C BA . ? A BA 101 ? 1_555 O  ? F HOH . ? A HOH 216 ? 1_555 71.7  ? 
50 O6 ? A G   6 ? A G   6   ? 1_555 BA ? C BA . ? A BA 101 ? 1_555 O  ? F HOH . ? A HOH 216 ? 1_555 145.1 ? 
51 O  ? F HOH . ? A HOH 215 ? 1_555 BA ? C BA . ? A BA 101 ? 1_555 O  ? F HOH . ? A HOH 216 ? 1_555 69.4  ? 
52 O6 ? A G   5 ? A G   5   ? 1_555 BA ? C BA . ? A BA 101 ? 1_555 O6 ? B G   3 ? B G   3   ? 1_555 145.6 ? 
53 O6 ? A G   6 ? A G   6   ? 1_555 BA ? C BA . ? A BA 101 ? 1_555 O6 ? B G   3 ? B G   3   ? 1_555 65.0  ? 
54 O  ? F HOH . ? A HOH 215 ? 1_555 BA ? C BA . ? A BA 101 ? 1_555 O6 ? B G   3 ? B G   3   ? 1_555 96.2  ? 
55 O  ? F HOH . ? A HOH 216 ? 1_555 BA ? C BA . ? A BA 101 ? 1_555 O6 ? B G   3 ? B G   3   ? 1_555 131.5 ? 
56 O6 ? A G   5 ? A G   5   ? 1_555 BA ? C BA . ? A BA 101 ? 1_555 O4 ? B U   4 ? B U   4   ? 1_555 111.9 ? 
57 O6 ? A G   6 ? A G   6   ? 1_555 BA ? C BA . ? A BA 101 ? 1_555 O4 ? B U   4 ? B U   4   ? 1_555 75.8  ? 
58 O  ? F HOH . ? A HOH 215 ? 1_555 BA ? C BA . ? A BA 101 ? 1_555 O4 ? B U   4 ? B U   4   ? 1_555 154.9 ? 
59 O  ? F HOH . ? A HOH 216 ? 1_555 BA ? C BA . ? A BA 101 ? 1_555 O4 ? B U   4 ? B U   4   ? 1_555 135.2 ? 
60 O6 ? B G   3 ? B G   3   ? 1_555 BA ? C BA . ? A BA 101 ? 1_555 O4 ? B U   4 ? B U   4   ? 1_555 71.5  ? 
61 O6 ? A G   5 ? A G   5   ? 1_555 BA ? C BA . ? A BA 101 ? 1_555 O  ? G HOH . ? B HOH 214 ? 1_555 122.0 ? 
62 O6 ? A G   6 ? A G   6   ? 1_555 BA ? C BA . ? A BA 101 ? 1_555 O  ? G HOH . ? B HOH 214 ? 1_555 109.9 ? 
63 O  ? F HOH . ? A HOH 215 ? 1_555 BA ? C BA . ? A BA 101 ? 1_555 O  ? G HOH . ? B HOH 214 ? 1_555 61.7  ? 
64 O  ? F HOH . ? A HOH 216 ? 1_555 BA ? C BA . ? A BA 101 ? 1_555 O  ? G HOH . ? B HOH 214 ? 1_555 67.9  ? 
65 O6 ? B G   3 ? B G   3   ? 1_555 BA ? C BA . ? A BA 101 ? 1_555 O  ? G HOH . ? B HOH 214 ? 1_555 64.7  ? 
66 O4 ? B U   4 ? B U   4   ? 1_555 BA ? C BA . ? A BA 101 ? 1_555 O  ? G HOH . ? B HOH 214 ? 1_555 126.1 ? 
67 O6 ? A G   5 ? A G   5   ? 1_555 BA ? C BA . ? A BA 101 ? 1_555 O  ? G HOH . ? B HOH 217 ? 1_555 80.5  ? 
68 O6 ? A G   6 ? A G   6   ? 1_555 BA ? C BA . ? A BA 101 ? 1_555 O  ? G HOH . ? B HOH 217 ? 1_555 125.0 ? 
69 O  ? F HOH . ? A HOH 215 ? 1_555 BA ? C BA . ? A BA 101 ? 1_555 O  ? G HOH . ? B HOH 217 ? 1_555 136.1 ? 
70 O  ? F HOH . ? A HOH 216 ? 1_555 BA ? C BA . ? A BA 101 ? 1_555 O  ? G HOH . ? B HOH 217 ? 1_555 73.9  ? 
71 O6 ? B G   3 ? B G   3   ? 1_555 BA ? C BA . ? A BA 101 ? 1_555 O  ? G HOH . ? B HOH 217 ? 1_555 126.4 ? 
72 O4 ? B U   4 ? B U   4   ? 1_555 BA ? C BA . ? A BA 101 ? 1_555 O  ? G HOH . ? B HOH 217 ? 1_555 63.5  ? 
73 O  ? G HOH . ? B HOH 214 ? 1_555 BA ? C BA . ? A BA 101 ? 1_555 O  ? G HOH . ? B HOH 217 ? 1_555 123.5 ? 
74 O6 ? A G   5 ? A G   5   ? 1_555 BA ? C BA . ? A BA 101 ? 1_555 O  ? G HOH . ? B HOH 219 ? 1_555 144.0 ? 
75 O6 ? A G   6 ? A G   6   ? 1_555 BA ? C BA . ? A BA 101 ? 1_555 O  ? G HOH . ? B HOH 219 ? 1_555 130.3 ? 
76 O  ? F HOH . ? A HOH 215 ? 1_555 BA ? C BA . ? A BA 101 ? 1_555 O  ? G HOH . ? B HOH 219 ? 1_555 127.2 ? 
77 O  ? F HOH . ? A HOH 216 ? 1_555 BA ? C BA . ? A BA 101 ? 1_555 O  ? G HOH . ? B HOH 219 ? 1_555 82.3  ? 
78 O6 ? B G   3 ? B G   3   ? 1_555 BA ? C BA . ? A BA 101 ? 1_555 O  ? G HOH . ? B HOH 219 ? 1_555 70.3  ? 
79 O4 ? B U   4 ? B U   4   ? 1_555 BA ? C BA . ? A BA 101 ? 1_555 O  ? G HOH . ? B HOH 219 ? 1_555 70.3  ? 
80 O  ? G HOH . ? B HOH 214 ? 1_555 BA ? C BA . ? A BA 101 ? 1_555 O  ? G HOH . ? B HOH 219 ? 1_555 66.6  ? 
81 O  ? G HOH . ? B HOH 217 ? 1_555 BA ? C BA . ? A BA 101 ? 1_555 O  ? G HOH . ? B HOH 219 ? 1_555 68.5  ? 
82 O6 ? A G   5 ? A G   5   ? 1_555 NA ? E NA . ? B NA 102 ? 1_555 O  ? F HOH . ? A HOH 202 ? 1_555 145.9 ? 
83 O6 ? A G   5 ? A G   5   ? 1_555 NA ? E NA . ? B NA 102 ? 1_555 O6 A B G   5 ? B G   5   ? 1_555 75.4  ? 
84 O  ? F HOH . ? A HOH 202 ? 1_555 NA ? E NA . ? B NA 102 ? 1_555 O6 A B G   5 ? B G   5   ? 1_555 132.0 ? 
85 O6 ? A G   5 ? A G   5   ? 1_555 NA ? E NA . ? B NA 102 ? 1_555 O6 B B G   5 ? B G   5   ? 1_555 85.7  ? 
86 O  ? F HOH . ? A HOH 202 ? 1_555 NA ? E NA . ? B NA 102 ? 1_555 O6 B B G   5 ? B G   5   ? 1_555 119.5 ? 
87 O6 A B G   5 ? B G   5   ? 1_555 NA ? E NA . ? B NA 102 ? 1_555 O6 B B G   5 ? B G   5   ? 1_555 12.8  ? 
# 
_pdbx_struct_special_symmetry.id              1 
_pdbx_struct_special_symmetry.PDB_model_num   1 
_pdbx_struct_special_symmetry.auth_asym_id    B 
_pdbx_struct_special_symmetry.auth_comp_id    HOH 
_pdbx_struct_special_symmetry.auth_seq_id     220 
_pdbx_struct_special_symmetry.PDB_ins_code    ? 
_pdbx_struct_special_symmetry.label_asym_id   G 
_pdbx_struct_special_symmetry.label_comp_id   HOH 
_pdbx_struct_special_symmetry.label_seq_id    . 
# 
loop_
_space_group_symop.id 
_space_group_symop.operation_xyz 
1 x,y,z               
2 -y+1/2,x+1/2,z+3/4  
3 y+1/2,-x+1/2,z+1/4  
4 x+1/2,-y+1/2,-z+1/4 
5 -x+1/2,y+1/2,-z+3/4 
6 -x,-y,z+1/2         
7 y,x,-z              
8 -y,-x,-z+1/2        
# 
_pdbx_entry_details.entry_id                 8AMI 
_pdbx_entry_details.has_ligand_of_interest   Y 
_pdbx_entry_details.compound_details         ? 
_pdbx_entry_details.source_details           ? 
_pdbx_entry_details.nonpolymer_details       ? 
_pdbx_entry_details.sequence_details         ? 
# 
loop_
_chem_comp_atom.comp_id 
_chem_comp_atom.atom_id 
_chem_comp_atom.type_symbol 
_chem_comp_atom.pdbx_aromatic_flag 
_chem_comp_atom.pdbx_stereo_config 
_chem_comp_atom.pdbx_ordinal 
A   OP3    O  N N 1   
A   P      P  N N 2   
A   OP1    O  N N 3   
A   OP2    O  N N 4   
A   "O5'"  O  N N 5   
A   "C5'"  C  N N 6   
A   "C4'"  C  N R 7   
A   "O4'"  O  N N 8   
A   "C3'"  C  N S 9   
A   "O3'"  O  N N 10  
A   "C2'"  C  N R 11  
A   "O2'"  O  N N 12  
A   "C1'"  C  N R 13  
A   N9     N  Y N 14  
A   C8     C  Y N 15  
A   N7     N  Y N 16  
A   C5     C  Y N 17  
A   C6     C  Y N 18  
A   N6     N  N N 19  
A   N1     N  Y N 20  
A   C2     C  Y N 21  
A   N3     N  Y N 22  
A   C4     C  Y N 23  
A   HOP3   H  N N 24  
A   HOP2   H  N N 25  
A   "H5'"  H  N N 26  
A   "H5''" H  N N 27  
A   "H4'"  H  N N 28  
A   "H3'"  H  N N 29  
A   "HO3'" H  N N 30  
A   "H2'"  H  N N 31  
A   "HO2'" H  N N 32  
A   "H1'"  H  N N 33  
A   H8     H  N N 34  
A   H61    H  N N 35  
A   H62    H  N N 36  
A   H2     H  N N 37  
BA  BA     BA N N 38  
C   OP3    O  N N 39  
C   P      P  N N 40  
C   OP1    O  N N 41  
C   OP2    O  N N 42  
C   "O5'"  O  N N 43  
C   "C5'"  C  N N 44  
C   "C4'"  C  N R 45  
C   "O4'"  O  N N 46  
C   "C3'"  C  N S 47  
C   "O3'"  O  N N 48  
C   "C2'"  C  N R 49  
C   "O2'"  O  N N 50  
C   "C1'"  C  N R 51  
C   N1     N  N N 52  
C   C2     C  N N 53  
C   O2     O  N N 54  
C   N3     N  N N 55  
C   C4     C  N N 56  
C   N4     N  N N 57  
C   C5     C  N N 58  
C   C6     C  N N 59  
C   HOP3   H  N N 60  
C   HOP2   H  N N 61  
C   "H5'"  H  N N 62  
C   "H5''" H  N N 63  
C   "H4'"  H  N N 64  
C   "H3'"  H  N N 65  
C   "HO3'" H  N N 66  
C   "H2'"  H  N N 67  
C   "HO2'" H  N N 68  
C   "H1'"  H  N N 69  
C   H41    H  N N 70  
C   H42    H  N N 71  
C   H5     H  N N 72  
C   H6     H  N N 73  
G   OP3    O  N N 74  
G   P      P  N N 75  
G   OP1    O  N N 76  
G   OP2    O  N N 77  
G   "O5'"  O  N N 78  
G   "C5'"  C  N N 79  
G   "C4'"  C  N R 80  
G   "O4'"  O  N N 81  
G   "C3'"  C  N S 82  
G   "O3'"  O  N N 83  
G   "C2'"  C  N R 84  
G   "O2'"  O  N N 85  
G   "C1'"  C  N R 86  
G   N9     N  Y N 87  
G   C8     C  Y N 88  
G   N7     N  Y N 89  
G   C5     C  Y N 90  
G   C6     C  N N 91  
G   O6     O  N N 92  
G   N1     N  N N 93  
G   C2     C  N N 94  
G   N2     N  N N 95  
G   N3     N  N N 96  
G   C4     C  Y N 97  
G   HOP3   H  N N 98  
G   HOP2   H  N N 99  
G   "H5'"  H  N N 100 
G   "H5''" H  N N 101 
G   "H4'"  H  N N 102 
G   "H3'"  H  N N 103 
G   "HO3'" H  N N 104 
G   "H2'"  H  N N 105 
G   "HO2'" H  N N 106 
G   "H1'"  H  N N 107 
G   H8     H  N N 108 
G   H1     H  N N 109 
G   H21    H  N N 110 
G   H22    H  N N 111 
HOH O      O  N N 112 
HOH H1     H  N N 113 
HOH H2     H  N N 114 
NA  NA     NA N N 115 
U   OP3    O  N N 116 
U   P      P  N N 117 
U   OP1    O  N N 118 
U   OP2    O  N N 119 
U   "O5'"  O  N N 120 
U   "C5'"  C  N N 121 
U   "C4'"  C  N R 122 
U   "O4'"  O  N N 123 
U   "C3'"  C  N S 124 
U   "O3'"  O  N N 125 
U   "C2'"  C  N R 126 
U   "O2'"  O  N N 127 
U   "C1'"  C  N R 128 
U   N1     N  N N 129 
U   C2     C  N N 130 
U   O2     O  N N 131 
U   N3     N  N N 132 
U   C4     C  N N 133 
U   O4     O  N N 134 
U   C5     C  N N 135 
U   C6     C  N N 136 
U   HOP3   H  N N 137 
U   HOP2   H  N N 138 
U   "H5'"  H  N N 139 
U   "H5''" H  N N 140 
U   "H4'"  H  N N 141 
U   "H3'"  H  N N 142 
U   "HO3'" H  N N 143 
U   "H2'"  H  N N 144 
U   "HO2'" H  N N 145 
U   "H1'"  H  N N 146 
U   H3     H  N N 147 
U   H5     H  N N 148 
U   H6     H  N N 149 
# 
loop_
_chem_comp_bond.comp_id 
_chem_comp_bond.atom_id_1 
_chem_comp_bond.atom_id_2 
_chem_comp_bond.value_order 
_chem_comp_bond.pdbx_aromatic_flag 
_chem_comp_bond.pdbx_stereo_config 
_chem_comp_bond.pdbx_ordinal 
A   OP3   P      sing N N 1   
A   OP3   HOP3   sing N N 2   
A   P     OP1    doub N N 3   
A   P     OP2    sing N N 4   
A   P     "O5'"  sing N N 5   
A   OP2   HOP2   sing N N 6   
A   "O5'" "C5'"  sing N N 7   
A   "C5'" "C4'"  sing N N 8   
A   "C5'" "H5'"  sing N N 9   
A   "C5'" "H5''" sing N N 10  
A   "C4'" "O4'"  sing N N 11  
A   "C4'" "C3'"  sing N N 12  
A   "C4'" "H4'"  sing N N 13  
A   "O4'" "C1'"  sing N N 14  
A   "C3'" "O3'"  sing N N 15  
A   "C3'" "C2'"  sing N N 16  
A   "C3'" "H3'"  sing N N 17  
A   "O3'" "HO3'" sing N N 18  
A   "C2'" "O2'"  sing N N 19  
A   "C2'" "C1'"  sing N N 20  
A   "C2'" "H2'"  sing N N 21  
A   "O2'" "HO2'" sing N N 22  
A   "C1'" N9     sing N N 23  
A   "C1'" "H1'"  sing N N 24  
A   N9    C8     sing Y N 25  
A   N9    C4     sing Y N 26  
A   C8    N7     doub Y N 27  
A   C8    H8     sing N N 28  
A   N7    C5     sing Y N 29  
A   C5    C6     sing Y N 30  
A   C5    C4     doub Y N 31  
A   C6    N6     sing N N 32  
A   C6    N1     doub Y N 33  
A   N6    H61    sing N N 34  
A   N6    H62    sing N N 35  
A   N1    C2     sing Y N 36  
A   C2    N3     doub Y N 37  
A   C2    H2     sing N N 38  
A   N3    C4     sing Y N 39  
C   OP3   P      sing N N 40  
C   OP3   HOP3   sing N N 41  
C   P     OP1    doub N N 42  
C   P     OP2    sing N N 43  
C   P     "O5'"  sing N N 44  
C   OP2   HOP2   sing N N 45  
C   "O5'" "C5'"  sing N N 46  
C   "C5'" "C4'"  sing N N 47  
C   "C5'" "H5'"  sing N N 48  
C   "C5'" "H5''" sing N N 49  
C   "C4'" "O4'"  sing N N 50  
C   "C4'" "C3'"  sing N N 51  
C   "C4'" "H4'"  sing N N 52  
C   "O4'" "C1'"  sing N N 53  
C   "C3'" "O3'"  sing N N 54  
C   "C3'" "C2'"  sing N N 55  
C   "C3'" "H3'"  sing N N 56  
C   "O3'" "HO3'" sing N N 57  
C   "C2'" "O2'"  sing N N 58  
C   "C2'" "C1'"  sing N N 59  
C   "C2'" "H2'"  sing N N 60  
C   "O2'" "HO2'" sing N N 61  
C   "C1'" N1     sing N N 62  
C   "C1'" "H1'"  sing N N 63  
C   N1    C2     sing N N 64  
C   N1    C6     sing N N 65  
C   C2    O2     doub N N 66  
C   C2    N3     sing N N 67  
C   N3    C4     doub N N 68  
C   C4    N4     sing N N 69  
C   C4    C5     sing N N 70  
C   N4    H41    sing N N 71  
C   N4    H42    sing N N 72  
C   C5    C6     doub N N 73  
C   C5    H5     sing N N 74  
C   C6    H6     sing N N 75  
G   OP3   P      sing N N 76  
G   OP3   HOP3   sing N N 77  
G   P     OP1    doub N N 78  
G   P     OP2    sing N N 79  
G   P     "O5'"  sing N N 80  
G   OP2   HOP2   sing N N 81  
G   "O5'" "C5'"  sing N N 82  
G   "C5'" "C4'"  sing N N 83  
G   "C5'" "H5'"  sing N N 84  
G   "C5'" "H5''" sing N N 85  
G   "C4'" "O4'"  sing N N 86  
G   "C4'" "C3'"  sing N N 87  
G   "C4'" "H4'"  sing N N 88  
G   "O4'" "C1'"  sing N N 89  
G   "C3'" "O3'"  sing N N 90  
G   "C3'" "C2'"  sing N N 91  
G   "C3'" "H3'"  sing N N 92  
G   "O3'" "HO3'" sing N N 93  
G   "C2'" "O2'"  sing N N 94  
G   "C2'" "C1'"  sing N N 95  
G   "C2'" "H2'"  sing N N 96  
G   "O2'" "HO2'" sing N N 97  
G   "C1'" N9     sing N N 98  
G   "C1'" "H1'"  sing N N 99  
G   N9    C8     sing Y N 100 
G   N9    C4     sing Y N 101 
G   C8    N7     doub Y N 102 
G   C8    H8     sing N N 103 
G   N7    C5     sing Y N 104 
G   C5    C6     sing N N 105 
G   C5    C4     doub Y N 106 
G   C6    O6     doub N N 107 
G   C6    N1     sing N N 108 
G   N1    C2     sing N N 109 
G   N1    H1     sing N N 110 
G   C2    N2     sing N N 111 
G   C2    N3     doub N N 112 
G   N2    H21    sing N N 113 
G   N2    H22    sing N N 114 
G   N3    C4     sing N N 115 
HOH O     H1     sing N N 116 
HOH O     H2     sing N N 117 
U   OP3   P      sing N N 118 
U   OP3   HOP3   sing N N 119 
U   P     OP1    doub N N 120 
U   P     OP2    sing N N 121 
U   P     "O5'"  sing N N 122 
U   OP2   HOP2   sing N N 123 
U   "O5'" "C5'"  sing N N 124 
U   "C5'" "C4'"  sing N N 125 
U   "C5'" "H5'"  sing N N 126 
U   "C5'" "H5''" sing N N 127 
U   "C4'" "O4'"  sing N N 128 
U   "C4'" "C3'"  sing N N 129 
U   "C4'" "H4'"  sing N N 130 
U   "O4'" "C1'"  sing N N 131 
U   "C3'" "O3'"  sing N N 132 
U   "C3'" "C2'"  sing N N 133 
U   "C3'" "H3'"  sing N N 134 
U   "O3'" "HO3'" sing N N 135 
U   "C2'" "O2'"  sing N N 136 
U   "C2'" "C1'"  sing N N 137 
U   "C2'" "H2'"  sing N N 138 
U   "O2'" "HO2'" sing N N 139 
U   "C1'" N1     sing N N 140 
U   "C1'" "H1'"  sing N N 141 
U   N1    C2     sing N N 142 
U   N1    C6     sing N N 143 
U   C2    O2     doub N N 144 
U   C2    N3     sing N N 145 
U   N3    C4     sing N N 146 
U   N3    H3     sing N N 147 
U   C4    O4     doub N N 148 
U   C4    C5     sing N N 149 
U   C5    C6     doub N N 150 
U   C5    H5     sing N N 151 
U   C6    H6     sing N N 152 
# 
loop_
_ndb_struct_conf_na.entry_id 
_ndb_struct_conf_na.feature 
8AMI 'double helix'        
8AMI 'a-form double helix' 
# 
loop_
_ndb_struct_na_base_pair.model_number 
_ndb_struct_na_base_pair.i_label_asym_id 
_ndb_struct_na_base_pair.i_label_comp_id 
_ndb_struct_na_base_pair.i_label_seq_id 
_ndb_struct_na_base_pair.i_symmetry 
_ndb_struct_na_base_pair.j_label_asym_id 
_ndb_struct_na_base_pair.j_label_comp_id 
_ndb_struct_na_base_pair.j_label_seq_id 
_ndb_struct_na_base_pair.j_symmetry 
_ndb_struct_na_base_pair.shear 
_ndb_struct_na_base_pair.stretch 
_ndb_struct_na_base_pair.stagger 
_ndb_struct_na_base_pair.buckle 
_ndb_struct_na_base_pair.propeller 
_ndb_struct_na_base_pair.opening 
_ndb_struct_na_base_pair.pair_number 
_ndb_struct_na_base_pair.pair_name 
_ndb_struct_na_base_pair.i_auth_asym_id 
_ndb_struct_na_base_pair.i_auth_seq_id 
_ndb_struct_na_base_pair.i_PDB_ins_code 
_ndb_struct_na_base_pair.j_auth_asym_id 
_ndb_struct_na_base_pair.j_auth_seq_id 
_ndb_struct_na_base_pair.j_PDB_ins_code 
_ndb_struct_na_base_pair.hbond_type_28 
_ndb_struct_na_base_pair.hbond_type_12 
1 A A 1 1_555 B U 9 1_555 -0.096 -0.076 0.182  4.070  -10.413 0.869  1 A_A1:U9_B A 1 ? B 9 ? 20 1 
1 A U 2 1_555 B A 8 1_555 -0.017 -0.113 0.000  5.806  -16.291 0.749  2 A_U2:A8_B A 2 ? B 8 ? 20 1 
1 A G 3 1_555 B C 7 1_555 -0.227 -0.208 0.128  -4.457 -22.830 2.664  3 A_G3:C7_B A 3 ? B 7 ? 19 1 
1 A U 4 1_555 B G 6 1_555 2.048  -0.594 0.115  -1.373 -15.272 -0.651 4 A_U4:G6_B A 4 ? B 6 ? 28 1 
1 A G 6 1_555 B U 4 1_555 -1.980 -0.485 0.220  1.099  -13.844 -2.240 5 A_G6:U4_B A 6 ? B 4 ? 28 1 
1 A C 7 1_555 B G 3 1_555 0.249  -0.150 0.025  4.595  -22.199 3.946  6 A_C7:G3_B A 7 ? B 3 ? 19 1 
1 A A 8 1_555 B U 2 1_555 0.215  -0.117 -0.028 -4.904 -18.477 3.878  7 A_A8:U2_B A 8 ? B 2 ? 20 1 
1 A U 9 1_555 B A 1 1_555 0.322  -0.061 0.190  -0.942 -13.139 -1.177 8 A_U9:A1_B A 9 ? B 1 ? 20 1 
# 
loop_
_ndb_struct_na_base_pair_step.model_number 
_ndb_struct_na_base_pair_step.i_label_asym_id_1 
_ndb_struct_na_base_pair_step.i_label_comp_id_1 
_ndb_struct_na_base_pair_step.i_label_seq_id_1 
_ndb_struct_na_base_pair_step.i_symmetry_1 
_ndb_struct_na_base_pair_step.j_label_asym_id_1 
_ndb_struct_na_base_pair_step.j_label_comp_id_1 
_ndb_struct_na_base_pair_step.j_label_seq_id_1 
_ndb_struct_na_base_pair_step.j_symmetry_1 
_ndb_struct_na_base_pair_step.i_label_asym_id_2 
_ndb_struct_na_base_pair_step.i_label_comp_id_2 
_ndb_struct_na_base_pair_step.i_label_seq_id_2 
_ndb_struct_na_base_pair_step.i_symmetry_2 
_ndb_struct_na_base_pair_step.j_label_asym_id_2 
_ndb_struct_na_base_pair_step.j_label_comp_id_2 
_ndb_struct_na_base_pair_step.j_label_seq_id_2 
_ndb_struct_na_base_pair_step.j_symmetry_2 
_ndb_struct_na_base_pair_step.shift 
_ndb_struct_na_base_pair_step.slide 
_ndb_struct_na_base_pair_step.rise 
_ndb_struct_na_base_pair_step.tilt 
_ndb_struct_na_base_pair_step.roll 
_ndb_struct_na_base_pair_step.twist 
_ndb_struct_na_base_pair_step.x_displacement 
_ndb_struct_na_base_pair_step.y_displacement 
_ndb_struct_na_base_pair_step.helical_rise 
_ndb_struct_na_base_pair_step.inclination 
_ndb_struct_na_base_pair_step.tip 
_ndb_struct_na_base_pair_step.helical_twist 
_ndb_struct_na_base_pair_step.step_number 
_ndb_struct_na_base_pair_step.step_name 
_ndb_struct_na_base_pair_step.i_auth_asym_id_1 
_ndb_struct_na_base_pair_step.i_auth_seq_id_1 
_ndb_struct_na_base_pair_step.i_PDB_ins_code_1 
_ndb_struct_na_base_pair_step.j_auth_asym_id_1 
_ndb_struct_na_base_pair_step.j_auth_seq_id_1 
_ndb_struct_na_base_pair_step.j_PDB_ins_code_1 
_ndb_struct_na_base_pair_step.i_auth_asym_id_2 
_ndb_struct_na_base_pair_step.i_auth_seq_id_2 
_ndb_struct_na_base_pair_step.i_PDB_ins_code_2 
_ndb_struct_na_base_pair_step.j_auth_asym_id_2 
_ndb_struct_na_base_pair_step.j_auth_seq_id_2 
_ndb_struct_na_base_pair_step.j_PDB_ins_code_2 
1 A A 1 1_555 B U 9 1_555 A U 2 1_555 B A 8 1_555 -0.398 -1.097 3.178 -0.612 11.232 31.307 -3.646 0.601  2.646 20.021 1.091  
33.219 1 AA_A1U2:A8U9_BB A 1 ? B 9 ? A 2 ? B 8 ? 
1 A U 2 1_555 B A 8 1_555 A G 3 1_555 B C 7 1_555 0.630  -1.544 3.342 0.356  15.098 32.964 -4.459 -0.969 2.434 25.036 -0.590 
36.171 2 AA_U2G3:C7A8_BB A 2 ? B 8 ? A 3 ? B 7 ? 
1 A G 3 1_555 B C 7 1_555 A U 4 1_555 B G 6 1_555 -0.039 -0.860 3.048 0.863  8.062  44.811 -1.759 0.119  2.859 10.474 -1.121 
45.501 3 AA_G3U4:G6C7_BB A 3 ? B 7 ? A 4 ? B 6 ? 
1 A U 4 1_555 B G 6 1_555 A G 6 1_555 B U 4 1_555 0.016  -4.183 5.293 -0.464 28.044 47.946 -6.706 -0.053 2.646 31.576 0.522  
55.126 4 AA_U4G6:U4G6_BB A 4 ? B 6 ? A 6 ? B 4 ? 
1 A G 6 1_555 B U 4 1_555 A C 7 1_555 B G 3 1_555 0.107  -0.907 3.115 0.236  7.504  43.262 -1.877 -0.123 2.926 10.087 -0.317 
43.878 5 AA_G6C7:G3U4_BB A 6 ? B 4 ? A 7 ? B 3 ? 
1 A C 7 1_555 B G 3 1_555 A A 8 1_555 B U 2 1_555 -0.010 -1.583 3.322 0.131  14.621 30.564 -4.879 0.037  2.344 25.953 -0.233 
33.805 6 AA_C7A8:U2G3_BB A 7 ? B 3 ? A 8 ? B 2 ? 
1 A A 8 1_555 B U 2 1_555 A U 9 1_555 B A 1 1_555 -0.150 -1.185 3.088 -0.899 9.922  32.843 -3.405 0.129  2.632 17.066 1.546  
34.281 7 AA_A8U9:A1U2_BB A 8 ? B 2 ? A 9 ? B 1 ? 
# 
_pdbx_audit_support.funding_organization   'Other government' 
_pdbx_audit_support.country                Poland 
_pdbx_audit_support.grant_number           ? 
_pdbx_audit_support.ordinal                1 
# 
loop_
_pdbx_entity_instance_feature.ordinal 
_pdbx_entity_instance_feature.comp_id 
_pdbx_entity_instance_feature.asym_id 
_pdbx_entity_instance_feature.seq_num 
_pdbx_entity_instance_feature.auth_comp_id 
_pdbx_entity_instance_feature.auth_asym_id 
_pdbx_entity_instance_feature.auth_seq_num 
_pdbx_entity_instance_feature.feature_type 
_pdbx_entity_instance_feature.details 
1 BA ? ? BA ? ? 'SUBJECT OF INVESTIGATION' ? 
2 NA ? ? NA ? ? 'SUBJECT OF INVESTIGATION' ? 
# 
_pdbx_initial_refinement_model.id               1 
_pdbx_initial_refinement_model.entity_id_list   ? 
_pdbx_initial_refinement_model.type             'experimental model' 
_pdbx_initial_refinement_model.source_name      PDB 
_pdbx_initial_refinement_model.accession_code   8AMG 
_pdbx_initial_refinement_model.details          ? 
# 
_space_group.name_H-M_alt     'P 43 21 2' 
_space_group.name_Hall        'P 4nw 2abw' 
_space_group.IT_number        96 
_space_group.crystal_system   tetragonal 
_space_group.id               1 
# 
_atom_sites.entry_id                    8AMI 
_atom_sites.Cartn_transf_matrix[1][1]   ? 
_atom_sites.Cartn_transf_matrix[1][2]   ? 
_atom_sites.Cartn_transf_matrix[1][3]   ? 
_atom_sites.Cartn_transf_matrix[2][1]   ? 
_atom_sites.Cartn_transf_matrix[2][2]   ? 
_atom_sites.Cartn_transf_matrix[2][3]   ? 
_atom_sites.Cartn_transf_matrix[3][1]   ? 
_atom_sites.Cartn_transf_matrix[3][2]   ? 
_atom_sites.Cartn_transf_matrix[3][3]   ? 
_atom_sites.Cartn_transf_vector[1]      ? 
_atom_sites.Cartn_transf_vector[2]      ? 
_atom_sites.Cartn_transf_vector[3]      ? 
_atom_sites.fract_transf_matrix[1][1]   -0.02379656 
_atom_sites.fract_transf_matrix[1][2]   0.01361544 
_atom_sites.fract_transf_matrix[1][3]   -0.01038694 
_atom_sites.fract_transf_matrix[2][1]   0.01712126 
_atom_sites.fract_transf_matrix[2][2]   0.01929162 
_atom_sites.fract_transf_matrix[2][3]   -0.01393704 
_atom_sites.fract_transf_matrix[3][1]   0.00015190 
_atom_sites.fract_transf_matrix[3][2]   -0.00728602 
_atom_sites.fract_transf_matrix[3][3]   -0.00989869 
_atom_sites.fract_transf_vector[1]      -0.525937 
_atom_sites.fract_transf_vector[2]      1.060915 
_atom_sites.fract_transf_vector[3]      0.056927 
_atom_sites.solution_primary            ? 
_atom_sites.solution_secondary          ? 
_atom_sites.solution_hydrogens          ? 
_atom_sites.special_details             ? 
# 
loop_
_atom_type.symbol 
_atom_type.scat_dispersion_real 
_atom_type.scat_dispersion_imag 
_atom_type.scat_Cromer_Mann_a1 
_atom_type.scat_Cromer_Mann_a2 
_atom_type.scat_Cromer_Mann_a3 
_atom_type.scat_Cromer_Mann_a4 
_atom_type.scat_Cromer_Mann_b1 
_atom_type.scat_Cromer_Mann_b2 
_atom_type.scat_Cromer_Mann_b3 
_atom_type.scat_Cromer_Mann_b4 
_atom_type.scat_Cromer_Mann_c 
_atom_type.scat_source 
_atom_type.scat_dispersion_source 
BA   ? ? ?        ?        ? ? ?        ?        ? ? ?   ? ? 
BA2+ ? ? 38.10399 15.75217 ? ? 0.97656  16.56940 ? ? 0.0 
;2-Gaussian fit: Grosse-Kunstleve RW, Sauter NK, Adams PD: Newsletter of the IUCr Commission on Crystallographic Computing 2004, 3, 22-31.
;
? 
C    ? ? 3.54356  2.42580  ? ? 25.62398 1.50364  ? ? 0.0 
;2-Gaussian fit: Grosse-Kunstleve RW, Sauter NK, Adams PD: Newsletter of the IUCr Commission on Crystallographic Computing 2004, 3, 22-31.
;
? 
N    ? ? 4.01032  2.96436  ? ? 19.97189 1.75589  ? ? 0.0 
;2-Gaussian fit: Grosse-Kunstleve RW, Sauter NK, Adams PD: Newsletter of the IUCr Commission on Crystallographic Computing 2004, 3, 22-31.
;
? 
NA   ? ? 9.38062  1.54875  ? ? 3.38349  72.32734 ? ? 0.0 
;2-Gaussian fit: Grosse-Kunstleve RW, Sauter NK, Adams PD: Newsletter of the IUCr Commission on Crystallographic Computing 2004, 3, 22-31.
;
? 
O    ? ? 4.49882  3.47563  ? ? 15.80542 1.70748  ? ? 0.0 
;2-Gaussian fit: Grosse-Kunstleve RW, Sauter NK, Adams PD: Newsletter of the IUCr Commission on Crystallographic Computing 2004, 3, 22-31.
;
? 
P    ? ? 9.51135  5.44231  ? ? 1.42069  35.72801 ? ? 0.0 
;2-Gaussian fit: Grosse-Kunstleve RW, Sauter NK, Adams PD: Newsletter of the IUCr Commission on Crystallographic Computing 2004, 3, 22-31.
;
? 
# 
loop_
_atom_site.group_PDB 
_atom_site.id 
_atom_site.type_symbol 
_atom_site.label_atom_id 
_atom_site.label_alt_id 
_atom_site.label_comp_id 
_atom_site.label_asym_id 
_atom_site.label_entity_id 
_atom_site.label_seq_id 
_atom_site.pdbx_PDB_ins_code 
_atom_site.Cartn_x 
_atom_site.Cartn_y 
_atom_site.Cartn_z 
_atom_site.occupancy 
_atom_site.B_iso_or_equiv 
_atom_site.pdbx_formal_charge 
_atom_site.auth_seq_id 
_atom_site.auth_comp_id 
_atom_site.auth_asym_id 
_atom_site.auth_atom_id 
_atom_site.pdbx_PDB_model_num 
ATOM   1   O  "O5'" . A   A 1 1 ? -7.16475  -7.00394  -2.71725  1.000 28.00956 ? 1   A   A "O5'" 1 
ATOM   2   C  "C5'" . A   A 1 1 ? -8.08848  -7.89034  -2.10570  1.000 27.25153 ? 1   A   A "C5'" 1 
ATOM   3   C  "C4'" . A   A 1 1 ? -7.39744  -9.07656  -1.48505  1.000 25.64655 ? 1   A   A "C4'" 1 
ATOM   4   O  "O4'" . A   A 1 1 ? -6.62649  -9.78211  -2.48624  1.000 24.89085 ? 1   A   A "O4'" 1 
ATOM   5   C  "C3'" . A   A 1 1 ? -6.38795  -8.77137  -0.39152  1.000 26.20911 ? 1   A   A "C3'" 1 
ATOM   6   O  "O3'" . A   A 1 1 ? -7.00673  -8.56270  0.86021   1.000 25.96343 ? 1   A   A "O3'" 1 
ATOM   7   C  "C2'" . A   A 1 1 ? -5.51240  -10.01067 -0.41156  1.000 28.00351 ? 1   A   A "C2'" 1 
ATOM   8   O  "O2'" . A   A 1 1 ? -6.21198  -11.09096 0.18999   1.000 31.35250 ? 1   A   A "O2'" 1 
ATOM   9   C  "C1'" . A   A 1 1 ? -5.44374  -10.29396 -1.90641  1.000 26.93385 ? 1   A   A "C1'" 1 
ATOM   10  N  N9    . A   A 1 1 ? -4.29160  -9.65926  -2.58110  1.000 24.52036 ? 1   A   A N9    1 
ATOM   11  C  C8    . A   A 1 1 ? -4.32620  -8.50395  -3.32446  1.000 25.44949 ? 1   A   A C8    1 
ATOM   12  N  N7    . A   A 1 1 ? -3.16496  -8.18216  -3.86029  1.000 24.58296 ? 1   A   A N7    1 
ATOM   13  C  C5    . A   A 1 1 ? -2.31416  -9.20387  -3.46349  1.000 23.04438 ? 1   A   A C5    1 
ATOM   14  C  C6    . A   A 1 1 ? -0.94175  -9.43586  -3.71681  1.000 21.50037 ? 1   A   A C6    1 
ATOM   15  N  N6    . A   A 1 1 ? -0.17032  -8.62111  -4.44465  1.000 20.09155 ? 1   A   A N6    1 
ATOM   16  N  N1    . A   A 1 1 ? -0.39406  -10.53977 -3.17926  1.000 23.42659 ? 1   A   A N1    1 
ATOM   17  C  C2    . A   A 1 1 ? -1.17163  -11.34795 -2.43033  1.000 21.85283 ? 1   A   A C2    1 
ATOM   18  N  N3    . A   A 1 1 ? -2.46659  -11.23985 -2.12384  1.000 21.69615 ? 1   A   A N3    1 
ATOM   19  C  C4    . A   A 1 1 ? -2.99166  -10.12471 -2.67419  1.000 23.37154 ? 1   A   A C4    1 
ATOM   20  P  P     . U   A 1 2 ? -6.38077  -7.54342  1.93067   1.000 26.91365 ? 2   U   A P     1 
ATOM   21  O  OP1   . U   A 1 2 ? -7.39580  -7.43158  3.00784   1.000 29.74340 ? 2   U   A OP1   1 
ATOM   22  O  OP2   . U   A 1 2 ? -5.88905  -6.31844  1.24620   1.000 26.31184 ? 2   U   A OP2   1 
ATOM   23  O  "O5'" . U   A 1 2 ? -5.12761  -8.33004  2.50723   1.000 23.59386 ? 2   U   A "O5'" 1 
ATOM   24  C  "C5'" . U   A 1 2 ? -5.30311  -9.54216  3.22565   1.000 22.99971 ? 2   U   A "C5'" 1 
ATOM   25  C  "C4'" . U   A 1 2 ? -3.98043  -10.20374 3.51521   1.000 23.43841 ? 2   U   A "C4'" 1 
ATOM   26  O  "O4'" . U   A 1 2 ? -3.42200  -10.71914 2.28070   1.000 22.14437 ? 2   U   A "O4'" 1 
ATOM   27  C  "C3'" . U   A 1 2 ? -2.88294  -9.30318  4.05302   1.000 26.07639 ? 2   U   A "C3'" 1 
ATOM   28  O  "O3'" . U   A 1 2 ? -3.00103  -9.01257  5.43745   1.000 29.10263 ? 2   U   A "O3'" 1 
ATOM   29  C  "C2'" . U   A 1 2 ? -1.62940  -10.07711 3.68165   1.000 24.21428 ? 2   U   A "C2'" 1 
ATOM   30  O  "O2'" . U   A 1 2 ? -1.47492  -11.20121 4.53346   1.000 25.02927 ? 2   U   A "O2'" 1 
ATOM   31  C  "C1'" . U   A 1 2 ? -2.01543  -10.58962 2.29848   1.000 21.72308 ? 2   U   A "C1'" 1 
ATOM   32  N  N1    . U   A 1 2 ? -1.62241  -9.63159  1.24005   1.000 19.55561 ? 2   U   A N1    1 
ATOM   33  C  C2    . U   A 1 2 ? -0.33685  -9.70891  0.75809   1.000 20.21519 ? 2   U   A C2    1 
ATOM   34  O  O2    . U   A 1 2 ? 0.47275   -10.52938 1.16165   1.000 22.62518 ? 2   U   A O2    1 
ATOM   35  N  N3    . U   A 1 2 ? -0.02188  -8.79660  -0.22112  1.000 18.70145 ? 2   U   A N3    1 
ATOM   36  C  C4    . U   A 1 2 ? -0.83232  -7.82799  -0.76347  1.000 21.31455 ? 2   U   A C4    1 
ATOM   37  O  O4    . U   A 1 2 ? -0.37839  -7.08388  -1.65379  1.000 20.13873 ? 2   U   A O4    1 
ATOM   38  C  C5    . U   A 1 2 ? -2.16017  -7.81156  -0.21037  1.000 22.63872 ? 2   U   A C5    1 
ATOM   39  C  C6    . U   A 1 2 ? -2.49809  -8.69077  0.74755   1.000 19.31429 ? 2   U   A C6    1 
ATOM   40  P  P     . G   A 1 3 ? -2.52648  -7.58147  5.98883   1.000 29.69785 ? 3   G   A P     1 
ATOM   41  O  OP1   . G   A 1 3 ? -2.78562  -7.58088  7.45362   1.000 32.56105 ? 3   G   A OP1   1 
ATOM   42  O  OP2   . G   A 1 3 ? -3.09775  -6.50646  5.13529   1.000 30.21321 ? 3   G   A OP2   1 
ATOM   43  O  "O5'" . G   A 1 3 ? -0.95306  -7.59987  5.79497   1.000 25.71989 ? 3   G   A "O5'" 1 
ATOM   44  C  "C5'" . G   A 1 3 ? -0.18101  -8.52474  6.53924   1.000 24.33087 ? 3   G   A "C5'" 1 
ATOM   45  C  "C4'" . G   A 1 3 ? 1.23481   -8.60396  6.04125   1.000 24.37236 ? 3   G   A "C4'" 1 
ATOM   46  O  "O4'" . G   A 1 3 ? 1.26143   -8.91831  4.62766   1.000 20.42820 ? 3   G   A "O4'" 1 
ATOM   47  C  "C3'" . G   A 1 3 ? 2.05012   -7.32864  6.14554   1.000 22.93570 ? 3   G   A "C3'" 1 
ATOM   48  O  "O3'" . G   A 1 3 ? 2.53703   -7.10671  7.46105   1.000 27.65981 ? 3   G   A "O3'" 1 
ATOM   49  C  "C2'" . G   A 1 3 ? 3.15353   -7.57624  5.13668   1.000 22.49322 ? 3   G   A "C2'" 1 
ATOM   50  O  "O2'" . G   A 1 3 ? 4.11011   -8.47982  5.68079   1.000 29.00567 ? 3   G   A "O2'" 1 
ATOM   51  C  "C1'" . G   A 1 3 ? 2.38318   -8.29964  4.02999   1.000 20.77092 ? 3   G   A "C1'" 1 
ATOM   52  N  N9    . G   A 1 3 ? 1.90500   -7.37261  2.98636   1.000 19.84910 ? 3   G   A N9    1 
ATOM   53  C  C8    . G   A 1 3 ? 0.62232   -6.91995  2.79382   1.000 22.55950 ? 3   G   A C8    1 
ATOM   54  N  N7    . G   A 1 3 ? 0.49819   -6.11988  1.75391   1.000 16.41175 ? 3   G   A N7    1 
ATOM   55  C  C5    . G   A 1 3 ? 1.78960   -6.05141  1.23658   1.000 18.66300 ? 3   G   A C5    1 
ATOM   56  C  C6    . G   A 1 3 ? 2.28493   -5.34496  0.11214   1.000 20.23879 ? 3   G   A C6    1 
ATOM   57  O  O6    . G   A 1 3 ? 1.65089   -4.60588  -0.65289  1.000 17.62107 ? 3   G   A O6    1 
ATOM   58  N  N1    . G   A 1 3 ? 3.65575   -5.54664  -0.06269  1.000 21.90871 ? 3   G   A N1    1 
ATOM   59  C  C2    . G   A 1 3 ? 4.44619   -6.34497  0.73932   1.000 23.79100 ? 3   G   A C2    1 
ATOM   60  N  N2    . G   A 1 3 ? 5.75032   -6.42517  0.42032   1.000 23.89282 ? 3   G   A N2    1 
ATOM   61  N  N3    . G   A 1 3 ? 3.98980   -7.00883  1.79492   1.000 23.45352 ? 3   G   A N3    1 
ATOM   62  C  C4    . G   A 1 3 ? 2.66482   -6.82266  1.97746   1.000 21.40389 ? 3   G   A C4    1 
ATOM   63  P  P     . U   A 1 4 ? 2.64667   -5.61969  8.06126   1.000 29.35841 ? 4   U   A P     1 
ATOM   64  O  OP1   . U   A 1 4 ? 3.10135   -5.74617  9.46474   1.000 33.00261 ? 4   U   A OP1   1 
ATOM   65  O  OP2   . U   A 1 4 ? 1.38288   -4.89127  7.75652   1.000 27.14065 ? 4   U   A OP2   1 
ATOM   66  O  "O5'" . U   A 1 4 ? 3.81416   -4.93621  7.22477   1.000 28.21077 ? 4   U   A "O5'" 1 
ATOM   67  C  "C5'" . U   A 1 4 ? 5.15369   -5.39015  7.32055   1.000 25.65169 ? 4   U   A "C5'" 1 
ATOM   68  C  "C4'" . U   A 1 4 ? 6.02392   -4.71822  6.29073   1.000 24.75729 ? 4   U   A "C4'" 1 
ATOM   69  O  "O4'" . U   A 1 4 ? 5.64481   -5.16725  4.96000   1.000 23.86812 ? 4   U   A "O4'" 1 
ATOM   70  C  "C3'" . U   A 1 4 ? 5.90047   -3.20674  6.21455   1.000 26.68127 ? 4   U   A "C3'" 1 
ATOM   71  O  "O3'" . U   A 1 4 ? 6.64775   -2.52821  7.21007   1.000 31.14261 ? 4   U   A "O3'" 1 
ATOM   72  C  "C2'" . U   A 1 4 ? 6.33972   -2.90819  4.78723   1.000 26.48059 ? 4   U   A "C2'" 1 
ATOM   73  O  "O2'" . U   A 1 4 ? 7.74887   -2.98302  4.65953   1.000 31.30063 ? 4   U   A "O2'" 1 
ATOM   74  C  "C1'" . U   A 1 4 ? 5.74583   -4.09484  4.04305   1.000 25.49736 ? 4   U   A "C1'" 1 
ATOM   75  N  N1    . U   A 1 4 ? 4.40081   -3.77788  3.51189   1.000 22.26761 ? 4   U   A N1    1 
ATOM   76  C  C2    . U   A 1 4 ? 4.36093   -3.18633  2.26699   1.000 23.11270 ? 4   U   A C2    1 
ATOM   77  O  O2    . U   A 1 4 ? 5.35584   -2.93854  1.61939   1.000 24.49680 ? 4   U   A O2    1 
ATOM   78  N  N3    . U   A 1 4 ? 3.11437   -2.89990  1.79450   1.000 21.38942 ? 4   U   A N3    1 
ATOM   79  C  C4    . U   A 1 4 ? 1.92059   -3.11987  2.43883   1.000 21.50146 ? 4   U   A C4    1 
ATOM   80  O  O4    . U   A 1 4 ? 0.87977   -2.80205  1.86947   1.000 18.85045 ? 4   U   A O4    1 
ATOM   81  C  C5    . U   A 1 4 ? 2.03670   -3.72143  3.73641   1.000 18.09289 ? 4   U   A C5    1 
ATOM   82  C  C6    . U   A 1 4 ? 3.24675   -4.01596  4.21757   1.000 19.45855 ? 4   U   A C6    1 
ATOM   83  P  P     . G   A 1 5 ? 6.06308   -1.19354  7.88302   1.000 35.86085 ? 5   G   A P     1 
ATOM   84  O  OP1   . G   A 1 5 ? 6.91428   -0.83438  9.03568   1.000 41.00754 ? 5   G   A OP1   1 
ATOM   85  O  OP2   . G   A 1 5 ? 4.59316   -1.34286  8.08758   1.000 31.80683 ? 5   G   A OP2   1 
ATOM   86  O  "O5'" . G   A 1 5 ? 6.31238   -0.07577  6.77693   1.000 39.98082 ? 5   G   A "O5'" 1 
ATOM   87  C  "C5'" . G   A 1 5 ? 7.56381   0.57825   6.71073   1.000 40.87454 ? 5   G   A "C5'" 1 
ATOM   88  C  "C4'" . G   A 1 5 ? 7.84275   1.20510   5.36853   1.000 39.63533 ? 5   G   A "C4'" 1 
ATOM   89  O  "O4'" . G   A 1 5 ? 7.49447   0.31450   4.27230   1.000 40.22153 ? 5   G   A "O4'" 1 
ATOM   90  C  "C3'" . G   A 1 5 ? 7.10526   2.48036   5.00364   1.000 38.48144 ? 5   G   A "C3'" 1 
ATOM   91  O  "O3'" . G   A 1 5 ? 7.49193   3.63296   5.74042   1.000 39.42396 ? 5   G   A "O3'" 1 
ATOM   92  C  "C2'" . G   A 1 5 ? 7.40363   2.56917   3.51536   1.000 39.29822 ? 5   G   A "C2'" 1 
ATOM   93  O  "O2'" . G   A 1 5 ? 8.75012   2.95902   3.29911   1.000 41.08617 ? 5   G   A "O2'" 1 
ATOM   94  C  "C1'" . G   A 1 5 ? 7.26580   1.09830   3.10748   1.000 38.72901 ? 5   G   A "C1'" 1 
ATOM   95  N  N9    . G   A 1 5 ? 5.92335   0.86982   2.53649   1.000 33.37211 ? 5   G   A N9    1 
ATOM   96  C  C8    . G   A 1 5 ? 5.63656   1.20713   1.23551   1.000 33.14187 ? 5   G   A C8    1 
ATOM   97  N  N7    . G   A 1 5 ? 4.40369   1.01306   0.89225   1.000 31.32669 ? 5   G   A N7    1 
ATOM   98  C  C5    . G   A 1 5 ? 3.80836   0.53581   2.05008   1.000 30.92305 ? 5   G   A C5    1 
ATOM   99  C  C6    . G   A 1 5 ? 2.45798   0.15142   2.26543   1.000 32.51707 ? 5   G   A C6    1 
ATOM   100 O  O6    . G   A 1 5 ? 1.49002   0.15583   1.46891   1.000 29.60519 ? 5   G   A O6    1 
ATOM   101 N  N1    . G   A 1 5 ? 2.27912   -0.26218  3.58175   1.000 36.19858 ? 5   G   A N1    1 
ATOM   102 C  C2    . G   A 1 5 ? 3.25808   -0.29654  4.54746   1.000 38.10182 ? 5   G   A C2    1 
ATOM   103 N  N2    . G   A 1 5 ? 2.85707   -0.73154  5.75528   1.000 41.57709 ? 5   G   A N2    1 
ATOM   104 N  N3    . G   A 1 5 ? 4.52274   0.05445   4.34946   1.000 33.57395 ? 5   G   A N3    1 
ATOM   105 C  C4    . G   A 1 5 ? 4.72685   0.46535   3.08732   1.000 30.34259 ? 5   G   A C4    1 
ATOM   106 P  P     . G   A 1 6 ? 6.42784   4.82581   5.96452   1.000 40.85695 ? 6   G   A P     1 
ATOM   107 O  OP1   . G   A 1 6 ? 7.11489   5.91998   6.69672   1.000 44.06815 ? 6   G   A OP1   1 
ATOM   108 O  OP2   . G   A 1 6 ? 5.14400   4.29375   6.47090   1.000 40.34946 ? 6   G   A OP2   1 
ATOM   109 O  "O5'" . G   A 1 6 ? 6.18532   5.39899   4.50659   1.000 35.77525 ? 6   G   A "O5'" 1 
ATOM   110 C  "C5'" . G   A 1 6 ? 7.22541   6.08608   3.84258   1.000 31.86798 ? 6   G   A "C5'" 1 
ATOM   111 C  "C4'" . G   A 1 6 ? 6.76708   6.61753   2.51322   1.000 30.53239 ? 6   G   A "C4'" 1 
ATOM   112 O  "O4'" . G   A 1 6 ? 6.29485   5.52971   1.68093   1.000 28.99109 ? 6   G   A "O4'" 1 
ATOM   113 C  "C3'" . G   A 1 6 ? 5.59419   7.58002   2.52610   1.000 27.99753 ? 6   G   A "C3'" 1 
ATOM   114 O  "O3'" . G   A 1 6 ? 5.94471   8.89385   2.93268   1.000 26.90869 ? 6   G   A "O3'" 1 
ATOM   115 C  "C2'" . G   A 1 6 ? 5.12058   7.50084   1.08527   1.000 30.04199 ? 6   G   A "C2'" 1 
ATOM   116 O  "O2'" . G   A 1 6 ? 6.00818   8.22949   0.24290   1.000 30.24123 ? 6   G   A "O2'" 1 
ATOM   117 C  "C1'" . G   A 1 6 ? 5.31161   6.01206   0.79511   1.000 27.70192 ? 6   G   A "C1'" 1 
ATOM   118 N  N9    . G   A 1 6 ? 4.07710   5.23014   0.97904   1.000 28.29962 ? 6   G   A N9    1 
ATOM   119 C  C8    . G   A 1 6 ? 3.76480   4.33881   1.98308   1.000 24.83568 ? 6   G   A C8    1 
ATOM   120 N  N7    . G   A 1 6 ? 2.57573   3.79614   1.82707   1.000 22.07699 ? 6   G   A N7    1 
ATOM   121 C  C5    . G   A 1 6 ? 2.08456   4.36351   0.65970   1.000 22.50623 ? 6   G   A C5    1 
ATOM   122 C  C6    . G   A 1 6 ? 0.85561   4.16686   -0.01798  1.000 25.19353 ? 6   G   A C6    1 
ATOM   123 O  O6    . G   A 1 6 ? -0.08737  3.42624   0.29071   1.000 23.15222 ? 6   G   A O6    1 
ATOM   124 N  N1    . G   A 1 6 ? 0.77783   4.94464   -1.17379  1.000 28.38954 ? 6   G   A N1    1 
ATOM   125 C  C2    . G   A 1 6 ? 1.74902   5.80313   -1.62274  1.000 28.47785 ? 6   G   A C2    1 
ATOM   126 N  N2    . G   A 1 6 ? 1.48161   6.46730   -2.76034  1.000 29.98423 ? 6   G   A N2    1 
ATOM   127 N  N3    . G   A 1 6 ? 2.90149   5.99382   -1.00108  1.000 28.93650 ? 6   G   A N3    1 
ATOM   128 C  C4    . G   A 1 6 ? 3.00408   5.24467   0.12164   1.000 26.66001 ? 6   G   A C4    1 
ATOM   129 P  P     . C   A 1 7 ? 4.88807   9.81074   3.72804   1.000 26.42035 ? 7   C   A P     1 
ATOM   130 O  OP1   . C   A 1 7 ? 5.57860   11.07895  4.04543   1.000 31.74620 ? 7   C   A OP1   1 
ATOM   131 O  OP2   . C   A 1 7 ? 4.24129   9.02996   4.81774   1.000 26.02847 ? 7   C   A OP2   1 
ATOM   132 O  "O5'" . C   A 1 7 ? 3.77402   10.15160  2.65514   1.000 26.68855 ? 7   C   A "O5'" 1 
ATOM   133 C  "C5'" . C   A 1 7 ? 4.06608   11.00204  1.55917   1.000 29.14727 ? 7   C   A "C5'" 1 
ATOM   134 C  "C4'" . C   A 1 7 ? 2.90888   11.04326  0.60054   1.000 28.58797 ? 7   C   A "C4'" 1 
ATOM   135 O  "O4'" . C   A 1 7 ? 2.69177   9.72230   0.03660   1.000 27.41866 ? 7   C   A "O4'" 1 
ATOM   136 C  "C3'" . C   A 1 7 ? 1.56871   11.38538  1.21824   1.000 30.02078 ? 7   C   A "C3'" 1 
ATOM   137 O  "O3'" . C   A 1 7 ? 1.39714   12.76297  1.48173   1.000 31.09434 ? 7   C   A "O3'" 1 
ATOM   138 C  "C2'" . C   A 1 7 ? 0.59404   10.80260  0.20920   1.000 29.55641 ? 7   C   A "C2'" 1 
ATOM   139 O  "O2'" . C   A 1 7 ? 0.53487   11.60726  -0.96102  1.000 33.42621 ? 7   C   A "O2'" 1 
ATOM   140 C  "C1'" . C   A 1 7 ? 1.30687   9.50214   -0.14794  1.000 27.40311 ? 7   C   A "C1'" 1 
ATOM   141 N  N1    . C   A 1 7 ? 0.87371   8.38872   0.73487   1.000 26.01897 ? 7   C   A N1    1 
ATOM   142 C  C2    . C   A 1 7 ? -0.29538  7.68508   0.39502   1.000 25.39678 ? 7   C   A C2    1 
ATOM   143 O  O2    . C   A 1 7 ? -0.92983  8.00284   -0.62880  1.000 22.95597 ? 7   C   A O2    1 
ATOM   144 N  N3    . C   A 1 7 ? -0.71874  6.67677   1.19350   1.000 22.80933 ? 7   C   A N3    1 
ATOM   145 C  C4    . C   A 1 7 ? -0.02098  6.36216   2.29339   1.000 23.71158 ? 7   C   A C4    1 
ATOM   146 N  N4    . C   A 1 7 ? -0.47641  5.35108   3.04821   1.000 22.46874 ? 7   C   A N4    1 
ATOM   147 C  C5    . C   A 1 7 ? 1.16850   7.06416   2.66923   1.000 23.30095 ? 7   C   A C5    1 
ATOM   148 C  C6    . C   A 1 7 ? 1.57340   8.06167   1.87171   1.000 24.96070 ? 7   C   A C6    1 
ATOM   149 P  P     . A   A 1 8 ? 0.57072   13.21718  2.77550   1.000 32.24158 ? 8   A   A P     1 
ATOM   150 O  OP1   . A   A 1 8 ? 0.73767   14.69187  2.90620   1.000 36.36444 ? 8   A   A OP1   1 
ATOM   151 O  OP2   . A   A 1 8 ? 0.92417   12.35933  3.93192   1.000 32.18727 ? 8   A   A OP2   1 
ATOM   152 O  "O5'" . A   A 1 8 ? -0.93194  12.89065  2.37003   1.000 30.40648 ? 8   A   A "O5'" 1 
ATOM   153 C  "C5'" . A   A 1 8 ? -1.49764  13.48099  1.21720   1.000 28.07658 ? 8   A   A "C5'" 1 
ATOM   154 C  "C4'" . A   A 1 8 ? -2.83732  12.88621  0.90995   1.000 27.84661 ? 8   A   A "C4'" 1 
ATOM   155 O  "O4'" . A   A 1 8 ? -2.69413  11.48673  0.55320   1.000 27.00361 ? 8   A   A "O4'" 1 
ATOM   156 C  "C3'" . A   A 1 8 ? -3.82776  12.85273  2.05641   1.000 25.84426 ? 8   A   A "C3'" 1 
ATOM   157 O  "O3'" . A   A 1 8 ? -4.41159  14.10918  2.30588   1.000 24.19981 ? 8   A   A "O3'" 1 
ATOM   158 C  "C2'" . A   A 1 8 ? -4.81179  11.80222  1.57678   1.000 26.33884 ? 8   A   A "C2'" 1 
ATOM   159 O  "O2'" . A   A 1 8 ? -5.61257  12.34820  0.53461   1.000 29.69856 ? 8   A   A "O2'" 1 
ATOM   160 C  "C1'" . A   A 1 8 ? -3.85224  10.78232  0.95436   1.000 26.15344 ? 8   A   A "C1'" 1 
ATOM   161 N  N9    . A   A 1 8 ? -3.44725  9.73129   1.91329   1.000 23.49107 ? 8   A   A N9    1 
ATOM   162 C  C8    . A   A 1 8 ? -2.28382  9.65626   2.62808   1.000 21.96854 ? 8   A   A C8    1 
ATOM   163 N  N7    . A   A 1 8 ? -2.20034  8.59787   3.40264   1.000 20.55910 ? 8   A   A N7    1 
ATOM   164 C  C5    . A   A 1 8 ? -3.38779  7.92811   3.18200   1.000 20.82925 ? 8   A   A C5    1 
ATOM   165 C  C6    . A   A 1 8 ? -3.90759  6.72673   3.71486   1.000 20.89176 ? 8   A   A C6    1 
ATOM   166 N  N6    . A   A 1 8 ? -3.25819  5.96217   4.59664   1.000 20.32297 ? 8   A   A N6    1 
ATOM   167 N  N1    . A   A 1 8 ? -5.11925  6.33103   3.28345   1.000 21.37682 ? 8   A   A N1    1 
ATOM   168 C  C2    . A   A 1 8 ? -5.77263  7.10487   2.39637   1.000 23.05408 ? 8   A   A C2    1 
ATOM   169 N  N3    . A   A 1 8 ? -5.39145  8.25463   1.82248   1.000 23.38752 ? 8   A   A N3    1 
ATOM   170 C  C4    . A   A 1 8 ? -4.17191  8.61826   2.26348   1.000 22.82580 ? 8   A   A C4    1 
ATOM   171 P  P     . U   A 1 9 ? -4.72173  14.56987  3.80677   1.000 24.52250 ? 9   U   A P     1 
ATOM   172 O  OP1   . U   A 1 9 ? -4.97182  16.03752  3.75085   1.000 25.97042 ? 9   U   A OP1   1 
ATOM   173 O  OP2   . U   A 1 9 ? -3.67632  14.04558  4.73103   1.000 23.57130 ? 9   U   A OP2   1 
ATOM   174 O  "O5'" . U   A 1 9 ? -6.09843  13.85532  4.14304   1.000 24.70455 ? 9   U   A "O5'" 1 
ATOM   175 C  "C5'" . U   A 1 9 ? -7.25931  14.09129  3.36556   1.000 21.45966 ? 9   U   A "C5'" 1 
ATOM   176 C  "C4'" . U   A 1 9 ? -8.30304  13.04871  3.65581   1.000 24.76960 ? 9   U   A "C4'" 1 
ATOM   177 O  "O4'" . U   A 1 9 ? -7.80806  11.74999  3.24525   1.000 25.18303 ? 9   U   A "O4'" 1 
ATOM   178 C  "C3'" . U   A 1 9 ? -8.64968  12.85467  5.11692   1.000 27.52047 ? 9   U   A "C3'" 1 
ATOM   179 O  "O3'" . U   A 1 9 ? -9.54691  13.83255  5.59847   1.000 29.34841 ? 9   U   A "O3'" 1 
ATOM   180 C  "C2'" . U   A 1 9 ? -9.20767  11.43527  5.13312   1.000 28.91924 ? 9   U   A "C2'" 1 
ATOM   181 O  "O2'" . U   A 1 9 ? -10.53102 11.39923  4.61138   1.000 28.54112 ? 9   U   A "O2'" 1 
ATOM   182 C  "C1'" . U   A 1 9 ? -8.29024  10.75121  4.12306   1.000 27.81326 ? 9   U   A "C1'" 1 
ATOM   183 N  N1    . U   A 1 9 ? -7.14152  10.08361  4.77923   1.000 23.83182 ? 9   U   A N1    1 
ATOM   184 C  C2    . U   A 1 9 ? -7.36823  8.80971   5.28781   1.000 23.41696 ? 9   U   A C2    1 
ATOM   185 O  O2    . U   A 1 9 ? -8.44511  8.23499   5.21967   1.000 24.44485 ? 9   U   A O2    1 
ATOM   186 N  N3    . U   A 1 9 ? -6.29483  8.22901   5.89032   1.000 23.51124 ? 9   U   A N3    1 
ATOM   187 C  C4    . U   A 1 9 ? -5.04378  8.77038   6.04631   1.000 24.13047 ? 9   U   A C4    1 
ATOM   188 O  O4    . U   A 1 9 ? -4.18105  8.10373   6.62017   1.000 24.76540 ? 9   U   A O4    1 
ATOM   189 C  C5    . U   A 1 9 ? -4.88365  10.08613  5.48745   1.000 22.47615 ? 9   U   A C5    1 
ATOM   190 C  C6    . U   A 1 9 ? -5.91287  10.68309  4.88728   1.000 21.63615 ? 9   U   A C6    1 
ATOM   191 O  "O5'" . A   B 1 1 ? -6.47822  -1.74341  8.94360   1.000 25.25547 ? 1   A   B "O5'" 1 
ATOM   192 C  "C5'" . A   B 1 1 ? -7.77653  -2.22755  9.25803   1.000 28.11895 ? 1   A   B "C5'" 1 
ATOM   193 C  "C4'" . A   B 1 1 ? -8.85113  -1.24409  8.86422   1.000 29.53408 ? 1   A   B "C4'" 1 
ATOM   194 O  "O4'" . A   B 1 1 ? -8.62898  0.02681   9.53270   1.000 27.88187 ? 1   A   B "O4'" 1 
ATOM   195 C  "C3'" . A   B 1 1 ? -8.91277  -0.88510  7.38760   1.000 29.78909 ? 1   A   B "C3'" 1 
ATOM   196 O  "O3'" . A   B 1 1 ? -9.62576  -1.84023  6.62261   1.000 31.02550 ? 1   A   B "O3'" 1 
ATOM   197 C  "C2'" . A   B 1 1 ? -9.56871  0.48832   7.40102   1.000 29.31128 ? 1   A   B "C2'" 1 
ATOM   198 O  "O2'" . A   B 1 1 ? -10.97048 0.36520   7.57606   1.000 28.74362 ? 1   A   B "O2'" 1 
ATOM   199 C  "C1'" . A   B 1 1 ? -8.97959  1.09261   8.67548   1.000 28.98381 ? 1   A   B "C1'" 1 
ATOM   200 N  N9    . A   B 1 1 ? -7.76701  1.88569   8.40036   1.000 26.61101 ? 1   A   B N9    1 
ATOM   201 C  C8    . A   B 1 1 ? -6.46739  1.52602   8.62771   1.000 25.71442 ? 1   A   B C8    1 
ATOM   202 N  N7    . A   B 1 1 ? -5.59341  2.45535   8.28747   1.000 26.82746 ? 1   A   B N7    1 
ATOM   203 C  C5    . A   B 1 1 ? -6.37499  3.48789   7.78979   1.000 25.78663 ? 1   A   B C5    1 
ATOM   204 C  C6    . A   B 1 1 ? -6.04767  4.75384   7.26612   1.000 26.04951 ? 1   A   B C6    1 
ATOM   205 N  N6    . A   B 1 1 ? -4.80076  5.19963   7.15020   1.000 24.10475 ? 1   A   B N6    1 
ATOM   206 N  N1    . A   B 1 1 ? -7.06348  5.55043   6.86331   1.000 26.72361 ? 1   A   B N1    1 
ATOM   207 C  C2    . A   B 1 1 ? -8.32034  5.09060   6.99690   1.000 29.61619 ? 1   A   B C2    1 
ATOM   208 N  N3    . A   B 1 1 ? -8.75599  3.92476   7.47700   1.000 28.85629 ? 1   A   B N3    1 
ATOM   209 C  C4    . A   B 1 1 ? -7.71937  3.15457   7.85541   1.000 27.36405 ? 1   A   B C4    1 
ATOM   210 P  P     . U   B 1 2 ? -9.12547  -2.22582  5.15064   1.000 28.54880 ? 2   U   B P     1 
ATOM   211 O  OP1   . U   B 1 2 ? -9.83868  -3.44485  4.70276   1.000 27.18098 ? 2   U   B OP1   1 
ATOM   212 O  OP2   . U   B 1 2 ? -7.64896  -2.21161  5.15360   1.000 27.07304 ? 2   U   B OP2   1 
ATOM   213 O  "O5'" . U   B 1 2 ? -9.58264  -0.99378  4.25678   1.000 28.75750 ? 2   U   B "O5'" 1 
ATOM   214 C  "C5'" . U   B 1 2 ? -10.95122 -0.64824  4.14356   1.000 25.55295 ? 2   U   B "C5'" 1 
ATOM   215 C  "C4'" . U   B 1 2 ? -11.12106 0.69612   3.48339   1.000 23.46987 ? 2   U   B "C4'" 1 
ATOM   216 O  "O4'" . U   B 1 2 ? -10.59925 1.72921   4.35803   1.000 24.47782 ? 2   U   B "O4'" 1 
ATOM   217 C  "C3'" . U   B 1 2 ? -10.35102 0.90515   2.19013   1.000 23.76953 ? 2   U   B "C3'" 1 
ATOM   218 O  "O3'" . U   B 1 2 ? -10.95320 0.30928   1.05647   1.000 26.15729 ? 2   U   B "O3'" 1 
ATOM   219 C  "C2'" . U   B 1 2 ? -10.26336 2.41713   2.11541   1.000 24.36545 ? 2   U   B "C2'" 1 
ATOM   220 O  "O2'" . U   B 1 2 ? -11.51379 2.95115   1.72283   1.000 26.29889 ? 2   U   B "O2'" 1 
ATOM   221 C  "C1'" . U   B 1 2 ? -10.03087 2.76549   3.58441   1.000 22.02802 ? 2   U   B "C1'" 1 
ATOM   222 N  N1    . U   B 1 2 ? -8.58482  2.85788   3.90217   1.000 21.84941 ? 2   U   B N1    1 
ATOM   223 C  C2    . U   B 1 2 ? -7.95999  4.05312   3.63743   1.000 21.35779 ? 2   U   B C2    1 
ATOM   224 O  O2    . U   B 1 2 ? -8.57658  4.99932   3.17628   1.000 22.76171 ? 2   U   B O2    1 
ATOM   225 N  N3    . U   B 1 2 ? -6.61664  4.10168   3.95206   1.000 21.75632 ? 2   U   B N3    1 
ATOM   226 C  C4    . U   B 1 2 ? -5.85940  3.07520   4.48577   1.000 22.03110 ? 2   U   B C4    1 
ATOM   227 O  O4    . U   B 1 2 ? -4.66188  3.24618   4.72280   1.000 24.96267 ? 2   U   B O4    1 
ATOM   228 C  C5    . U   B 1 2 ? -6.58913  1.86045   4.71819   1.000 19.56664 ? 2   U   B C5    1 
ATOM   229 C  C6    . U   B 1 2 ? -7.88900  1.79398   4.42635   1.000 17.27362 ? 2   U   B C6    1 
ATOM   230 P  P     . G   B 1 3 ? -10.03781 -0.19170  -0.16044  1.000 28.70104 ? 3   G   B P     1 
ATOM   231 O  OP1   . G   B 1 3 ? -10.90930 -0.96837  -1.07358  1.000 30.21863 ? 3   G   B OP1   1 
ATOM   232 O  OP2   . G   B 1 3 ? -8.77485  -0.78675  0.35510   1.000 29.44709 ? 3   G   B OP2   1 
ATOM   233 O  "O5'" . G   B 1 3 ? -9.52633  1.15208   -0.83284  1.000 29.10867 ? 3   G   B "O5'" 1 
ATOM   234 C  "C5'" . G   B 1 3 ? -10.43113 2.08859   -1.37662  1.000 30.62893 ? 3   G   B "C5'" 1 
ATOM   235 C  "C4'" . G   B 1 3 ? -9.70060  3.32068   -1.82395  1.000 27.67166 ? 3   G   B "C4'" 1 
ATOM   236 O  "O4'" . G   B 1 3 ? -9.11957  3.99179   -0.67951  1.000 27.49735 ? 3   G   B "O4'" 1 
ATOM   237 C  "C3'" . G   B 1 3 ? -8.51596  3.10950   -2.75383  1.000 25.96373 ? 3   G   B "C3'" 1 
ATOM   238 O  "O3'" . G   B 1 3 ? -8.90792  2.87086   -4.09737  1.000 30.21269 ? 3   G   B "O3'" 1 
ATOM   239 C  "C2'" . G   B 1 3 ? -7.74523  4.40418   -2.57254  1.000 24.75815 ? 3   G   B "C2'" 1 
ATOM   240 O  "O2'" . G   B 1 3 ? -8.41374  5.44664   -3.26653  1.000 30.22811 ? 3   G   B "O2'" 1 
ATOM   241 C  "C1'" . G   B 1 3 ? -7.93400  4.65308   -1.07159  1.000 23.54926 ? 3   G   B "C1'" 1 
ATOM   242 N  N9    . G   B 1 3 ? -6.81584  4.12932   -0.26957  1.000 21.77076 ? 3   G   B N9    1 
ATOM   243 C  C8    . G   B 1 3 ? -6.74265  2.93192   0.41442   1.000 22.52816 ? 3   G   B C8    1 
ATOM   244 N  N7    . G   B 1 3 ? -5.59184  2.76219   1.02697   1.000 21.29243 ? 3   G   B N7    1 
ATOM   245 C  C5    . G   B 1 3 ? -4.87574  3.92246   0.73400   1.000 18.22909 ? 3   G   B C5    1 
ATOM   246 C  C6    . G   B 1 3 ? -3.56841  4.33336   1.10134   1.000 20.90576 ? 3   G   B C6    1 
ATOM   247 O  O6    . G   B 1 3 ? -2.74142  3.73022   1.80391   1.000 20.02695 ? 3   G   B O6    1 
ATOM   248 N  N1    . G   B 1 3 ? -3.24538  5.57662   0.55599   1.000 20.60531 ? 3   G   B N1    1 
ATOM   249 C  C2    . G   B 1 3 ? -4.07996  6.33545   -0.24257  1.000 23.83976 ? 3   G   B C2    1 
ATOM   250 N  N2    . G   B 1 3 ? -3.61481  7.52566   -0.66391  1.000 19.48882 ? 3   G   B N2    1 
ATOM   251 N  N3    . G   B 1 3 ? -5.30786  5.97053   -0.58422  1.000 24.08328 ? 3   G   B N3    1 
ATOM   252 C  C4    . G   B 1 3 ? -5.62802  4.76659   -0.07260  1.000 22.45708 ? 3   G   B C4    1 
ATOM   253 P  P     . U   B 1 4 ? -8.02264  1.94016   -5.07283  1.000 31.86540 ? 4   U   B P     1 
ATOM   254 O  OP1   . U   B 1 4 ? -8.78380  1.81514   -6.34253  1.000 33.68670 ? 4   U   B OP1   1 
ATOM   255 O  OP2   . U   B 1 4 ? -7.59814  0.68014   -4.40080  1.000 30.78277 ? 4   U   B OP2   1 
ATOM   256 O  "O5'" . U   B 1 4 ? -6.70714  2.79394   -5.32105  1.000 28.91645 ? 4   U   B "O5'" 1 
ATOM   257 C  "C5'" . U   B 1 4 ? -6.77471  4.03039   -6.01229  1.000 28.83967 ? 4   U   B "C5'" 1 
ATOM   258 C  "C4'" . U   B 1 4 ? -5.46231  4.75379   -5.94263  1.000 24.03187 ? 4   U   B "C4'" 1 
ATOM   259 O  "O4'" . U   B 1 4 ? -5.17440  5.10438   -4.56735  1.000 24.56130 ? 4   U   B "O4'" 1 
ATOM   260 C  "C3'" . U   B 1 4 ? -4.25219  3.94768   -6.37173  1.000 26.30510 ? 4   U   B "C3'" 1 
ATOM   261 O  "O3'" . U   B 1 4 ? -4.09414  3.91108   -7.77443  1.000 26.29497 ? 4   U   B "O3'" 1 
ATOM   262 C  "C2'" . U   B 1 4 ? -3.11423  4.65257   -5.64955  1.000 26.44852 ? 4   U   B "C2'" 1 
ATOM   263 O  "O2'" . U   B 1 4 ? -2.77123  5.86375   -6.31134  1.000 26.12322 ? 4   U   B "O2'" 1 
ATOM   264 C  "C1'" . U   B 1 4 ? -3.78394  5.00486   -4.32660  1.000 24.86408 ? 4   U   B "C1'" 1 
ATOM   265 N  N1    . U   B 1 4 ? -3.55036  3.96421   -3.29622  1.000 21.81126 ? 4   U   B N1    1 
ATOM   266 C  C2    . U   B 1 4 ? -2.39923  4.09094   -2.55086  1.000 23.23230 ? 4   U   B C2    1 
ATOM   267 O  O2    . U   B 1 4 ? -1.59182  4.98935   -2.72899  1.000 24.00990 ? 4   U   B O2    1 
ATOM   268 N  N3    . U   B 1 4 ? -2.21395  3.12250   -1.59723  1.000 19.82755 ? 4   U   B N3    1 
ATOM   269 C  C4    . U   B 1 4 ? -3.05370  2.06552   -1.32371  1.000 20.70150 ? 4   U   B C4    1 
ATOM   270 O  O4    . U   B 1 4 ? -2.73623  1.28633   -0.43979  1.000 15.46760 ? 4   U   B O4    1 
ATOM   271 C  C5    . U   B 1 4 ? -4.23295  1.98450   -2.13403  1.000 19.46165 ? 4   U   B C5    1 
ATOM   272 C  C6    . U   B 1 4 ? -4.42791  2.91751   -3.07856  1.000 20.64702 ? 4   U   B C6    1 
ATOM   273 P  P     A G   B 1 5 ? -3.20405  2.74148   -8.43243  0.718 25.31959 ? 5   G   B P     1 
ATOM   274 P  P     B G   B 1 5 ? -3.57887  2.59705   -8.53103  0.282 27.21048 ? 5   G   B P     1 
ATOM   275 O  OP1   A G   B 1 5 ? -3.29096  2.87118   -9.91120  0.718 25.45345 ? 5   G   B OP1   1 
ATOM   276 O  OP1   B G   B 1 5 ? -4.33493  2.47662   -9.80596  0.282 26.54806 ? 5   G   B OP1   1 
ATOM   277 O  OP2   A G   B 1 5 ? -3.58911  1.45690   -7.78203  0.718 21.47417 ? 5   G   B OP2   1 
ATOM   278 O  OP2   B G   B 1 5 ? -3.56245  1.46626   -7.56702  0.282 25.86339 ? 5   G   B OP2   1 
ATOM   279 O  "O5'" A G   B 1 5 ? -1.71440  3.02227   -7.94696  0.718 23.35641 ? 5   G   B "O5'" 1 
ATOM   280 O  "O5'" B G   B 1 5 ? -2.07980  2.96199   -8.91033  0.282 27.09195 ? 5   G   B "O5'" 1 
ATOM   281 C  "C5'" A G   B 1 5 ? -0.93472  4.04674   -8.53285  0.718 27.12499 ? 5   G   B "C5'" 1 
ATOM   282 C  "C5'" B G   B 1 5 ? -1.01164  2.54138   -8.08706  0.282 28.30708 ? 5   G   B "C5'" 1 
ATOM   283 C  "C4'" A G   B 1 5 ? 0.44076   4.15807   -7.91558  0.718 29.50797 ? 5   G   B "C4'" 1 
ATOM   284 C  "C4'" B G   B 1 5 ? 0.06391   3.58795   -7.98231  0.282 29.44566 ? 5   G   B "C4'" 1 
ATOM   285 O  "O4'" A G   B 1 5 ? 0.38126   4.43038   -6.49547  0.718 28.97188 ? 5   G   B "O4'" 1 
ATOM   286 O  "O4'" B G   B 1 5 ? -0.03599  4.27547   -6.70490  0.282 29.86085 ? 5   G   B "O4'" 1 
ATOM   287 C  "C3'" A G   B 1 5 ? 1.34927   2.94883   -7.99829  0.718 31.87593 ? 5   G   B "C3'" 1 
ATOM   288 C  "C3'" B G   B 1 5 ? 1.47613   3.03771   -7.99976  0.282 32.09716 ? 5   G   B "C3'" 1 
ATOM   289 O  "O3'" A G   B 1 5 ? 1.89191   2.76196   -9.29046  0.718 35.24803 ? 5   G   B "O3'" 1 
ATOM   290 O  "O3'" B G   B 1 5 ? 1.94056   2.79097   -9.31065  0.282 34.38146 ? 5   G   B "O3'" 1 
ATOM   291 C  "C2'" A G   B 1 5 ? 2.41284   3.26420   -6.94613  0.718 33.22406 ? 5   G   B "C2'" 1 
ATOM   292 C  "C2'" B G   B 1 5 ? 2.26353   4.09564   -7.24163  0.282 32.81530 ? 5   G   B "C2'" 1 
ATOM   293 O  "O2'" A G   B 1 5 ? 3.42759   4.11151   -7.46568  0.718 36.14435 ? 5   G   B "O2'" 1 
ATOM   294 O  "O2'" B G   B 1 5 ? 2.51597   5.22579   -8.06372  0.282 32.38573 ? 5   G   B "O2'" 1 
ATOM   295 C  "C1'" A G   B 1 5 ? 1.61234   4.05036   -5.90671  0.718 32.34757 ? 5   G   B "C1'" 1 
ATOM   296 C  "C1'" B G   B 1 5 ? 1.25307   4.49497   -6.17136  0.282 31.90061 ? 5   G   B "C1'" 1 
ATOM   297 N  N9    A G   B 1 5 ? 1.42073   3.26124   -4.68238  0.718 34.67864 ? 5   G   B N9    1 
ATOM   298 N  N9    B G   B 1 5 ? 1.40382   3.68070   -4.94618  0.282 32.31946 ? 5   G   B N9    1 
ATOM   299 C  C8    A G   B 1 5 ? 2.34381   3.21090   -3.66556  0.718 35.25970 ? 5   G   B C8    1 
ATOM   300 C  C8    B G   B 1 5 ? 2.44498   3.73864   -4.04836  0.282 32.80850 ? 5   G   B C8    1 
ATOM   301 N  N7    A G   B 1 5 ? 2.00279   2.42627   -2.69493  0.718 33.66539 ? 5   G   B N7    1 
ATOM   302 N  N7    B G   B 1 5 ? 2.32933   2.89210   -3.05999  0.282 31.30759 ? 5   G   B N7    1 
ATOM   303 C  C5    A G   B 1 5 ? 0.78780   1.91392   -3.10913  0.718 31.91825 ? 5   G   B C5    1 
ATOM   304 C  C5    B G   B 1 5 ? 1.14204   2.22446   -3.31823  0.282 30.40611 ? 5   G   B C5    1 
ATOM   305 C  C6    A G   B 1 5 ? -0.06223  1.00002   -2.45254  0.718 29.79911 ? 5   G   B C6    1 
ATOM   306 C  C6    B G   B 1 5 ? 0.48231   1.19124   -2.59853  0.282 29.82703 ? 5   G   B C6    1 
ATOM   307 O  O6    A G   B 1 5 ? 0.08622   0.44618   -1.34809  0.718 21.04518 ? 5   G   B O6    1 
ATOM   308 O  O6    B G   B 1 5 ? 0.81394   0.62916   -1.55205  0.282 26.76363 ? 5   G   B O6    1 
ATOM   309 N  N1    A G   B 1 5 ? -1.18685  0.74984   -3.23468  0.718 34.08005 ? 5   G   B N1    1 
ATOM   310 N  N1    B G   B 1 5 ? -0.69830  0.80108   -3.21389  0.282 31.60182 ? 5   G   B N1    1 
ATOM   311 C  C2    A G   B 1 5 ? -1.47180  1.29689   -4.45989  0.718 38.34763 ? 5   G   B C2    1 
ATOM   312 C  C2    B G   B 1 5 ? -1.19263  1.32980   -4.37083  0.282 33.68180 ? 5   G   B C2    1 
ATOM   313 N  N2    A G   B 1 5 ? -2.63119  0.90559   -5.02577  0.718 42.17801 ? 5   G   B N2    1 
ATOM   314 N  N2    B G   B 1 5 ? -2.35356  0.82424   -4.81548  0.282 36.37484 ? 5   G   B N2    1 
ATOM   315 N  N3    A G   B 1 5 ? -0.68161  2.15491   -5.07885  0.718 35.54772 ? 5   G   B N3    1 
ATOM   316 N  N3    B G   B 1 5 ? -0.59148  2.28938   -5.04180  0.282 32.48734 ? 5   G   B N3    1 
ATOM   317 C  C4    A G   B 1 5 ? 0.41978   2.40275   -4.34580  0.718 33.51871 ? 5   G   B C4    1 
ATOM   318 C  C4    B G   B 1 5 ? 0.56547   2.68996   -4.47932  0.282 31.63406 ? 5   G   B C4    1 
ATOM   319 P  P     . G   B 1 6 ? 2.66100   1.39979   -9.63534  1.000 35.52672 ? 6   G   B P     1 
ATOM   320 O  OP1   . G   B 1 6 ? 3.06471   1.43056   -11.07013 1.000 37.61903 ? 6   G   B OP1   1 
ATOM   321 O  OP2   . G   B 1 6 ? 1.82122   0.29452   -9.11007  1.000 33.06836 ? 6   G   B OP2   1 
ATOM   322 O  "O5'" . G   B 1 6 ? 3.98781   1.48830   -8.75806  1.000 37.47660 ? 6   G   B "O5'" 1 
ATOM   323 C  "C5'" . G   B 1 6 ? 4.60084   0.32578   -8.24754  1.000 35.34119 ? 6   G   B "C5'" 1 
ATOM   324 C  "C4'" . G   B 1 6 ? 5.81312   0.65649   -7.42018  1.000 32.78440 ? 6   G   B "C4'" 1 
ATOM   325 O  "O4'" . G   B 1 6 ? 5.41033   1.36580   -6.21526  1.000 31.46633 ? 6   G   B "O4'" 1 
ATOM   326 C  "C3'" . G   B 1 6 ? 6.56083   -0.56718  -6.92679  1.000 32.54109 ? 6   G   B "C3'" 1 
ATOM   327 O  "O3'" . G   B 1 6 ? 7.51240   -1.00530  -7.87899  1.000 29.06696 ? 6   G   B "O3'" 1 
ATOM   328 C  "C2'" . G   B 1 6 ? 7.15918   -0.10905  -5.60127  1.000 32.18379 ? 6   G   B "C2'" 1 
ATOM   329 O  "O2'" . G   B 1 6 ? 8.33393   0.64783   -5.82298  1.000 32.08754 ? 6   G   B "O2'" 1 
ATOM   330 C  "C1'" . G   B 1 6 ? 6.08184   0.84536   -5.09264  1.000 30.24521 ? 6   G   B "C1'" 1 
ATOM   331 N  N9    . G   B 1 6 ? 5.07906   0.17731   -4.23384  1.000 28.13323 ? 6   G   B N9    1 
ATOM   332 C  C8    . G   B 1 6 ? 3.74581   0.00572   -4.51506  1.000 26.65609 ? 6   G   B C8    1 
ATOM   333 N  N7    . G   B 1 6 ? 3.08882   -0.60810  -3.56805  1.000 23.45008 ? 6   G   B N7    1 
ATOM   334 C  C5    . G   B 1 6 ? 4.03633   -0.85419  -2.59180  1.000 22.59480 ? 6   G   B C5    1 
ATOM   335 C  C6    . G   B 1 6 ? 3.90788   -1.49527  -1.33117  1.000 22.45102 ? 6   G   B C6    1 
ATOM   336 O  O6    . G   B 1 6 ? 2.87144   -1.96919  -0.82647  1.000 19.23295 ? 6   G   B O6    1 
ATOM   337 N  N1    . G   B 1 6 ? 5.13578   -1.53005  -0.65997  1.000 19.21795 ? 6   G   B N1    1 
ATOM   338 C  C2    . G   B 1 6 ? 6.31889   -1.01588  -1.15500  1.000 20.94232 ? 6   G   B C2    1 
ATOM   339 N  N2    . G   B 1 6 ? 7.41752   -1.11843  -0.38971  1.000 20.68234 ? 6   G   B N2    1 
ATOM   340 N  N3    . G   B 1 6 ? 6.43408   -0.41421  -2.32991  1.000 23.38031 ? 6   G   B N3    1 
ATOM   341 C  C4    . G   B 1 6 ? 5.26779   -0.36494  -2.98833  1.000 25.59140 ? 6   G   B C4    1 
ATOM   342 P  P     . C   B 1 7 ? 7.56079   -2.54290  -8.31318  1.000 32.78213 ? 7   C   B P     1 
ATOM   343 O  OP1   . C   B 1 7 ? 8.59194   -2.69702  -9.38215  1.000 35.05286 ? 7   C   B OP1   1 
ATOM   344 O  OP2   . C   B 1 7 ? 6.17549   -3.02596  -8.54463  1.000 34.96784 ? 7   C   B OP2   1 
ATOM   345 O  "O5'" . C   B 1 7 ? 8.13974   -3.27334  -7.03162  1.000 29.55147 ? 7   C   B "O5'" 1 
ATOM   346 C  "C5'" . C   B 1 7 ? 9.46250   -3.01973  -6.59984  1.000 29.19709 ? 7   C   B "C5'" 1 
ATOM   347 C  "C4'" . C   B 1 7 ? 9.68176   -3.57079  -5.22507  1.000 26.12838 ? 7   C   B "C4'" 1 
ATOM   348 O  "O4'" . C   B 1 7 ? 8.83555   -2.85836  -4.28396  1.000 24.56130 ? 7   C   B "O4'" 1 
ATOM   349 C  "C3'" . C   B 1 7 ? 9.29493   -5.02449  -5.03394  1.000 25.53433 ? 7   C   B "C3'" 1 
ATOM   350 O  "O3'" . C   B 1 7 ? 10.28003  -5.93552  -5.49339  1.000 26.41661 ? 7   C   B "O3'" 1 
ATOM   351 C  "C2'" . C   B 1 7 ? 9.05007   -5.09558  -3.53670  1.000 27.39569 ? 7   C   B "C2'" 1 
ATOM   352 O  "O2'" . C   B 1 7 ? 10.28408  -5.10743  -2.83432  1.000 29.39008 ? 7   C   B "O2'" 1 
ATOM   353 C  "C1'" . C   B 1 7 ? 8.37734   -3.74713  -3.28748  1.000 25.01794 ? 7   C   B "C1'" 1 
ATOM   354 N  N1    . C   B 1 7 ? 6.90062   -3.84255  -3.38459  1.000 25.23322 ? 7   C   B N1    1 
ATOM   355 C  C2    . C   B 1 7 ? 6.21480   -4.30550  -2.26534  1.000 24.75951 ? 7   C   B C2    1 
ATOM   356 O  O2    . C   B 1 7 ? 6.87709   -4.61347  -1.26456  1.000 26.77035 ? 7   C   B O2    1 
ATOM   357 N  N3    . C   B 1 7 ? 4.86278   -4.40093  -2.30034  1.000 25.13740 ? 7   C   B N3    1 
ATOM   358 C  C4    . C   B 1 7 ? 4.19222   -4.07400  -3.40646  1.000 22.73998 ? 7   C   B C4    1 
ATOM   359 N  N4    . C   B 1 7 ? 2.84924   -4.19100  -3.39074  1.000 18.50601 ? 7   C   B N4    1 
ATOM   360 C  C5    . C   B 1 7 ? 4.86768   -3.60317  -4.57328  1.000 21.17716 ? 7   C   B C5    1 
ATOM   361 C  C6    . C   B 1 7 ? 6.21162   -3.50380  -4.51821  1.000 24.26601 ? 7   C   B C6    1 
ATOM   362 P  P     . A   B 1 8 ? 9.86769   -7.44694  -5.87318  1.000 27.77883 ? 8   A   B P     1 
ATOM   363 O  OP1   . A   B 1 8 ? 11.06399  -8.16968  -6.38010  1.000 33.98606 ? 8   A   B OP1   1 
ATOM   364 O  OP2   . A   B 1 8 ? 8.63749   -7.36465  -6.70560  1.000 26.86392 ? 8   A   B OP2   1 
ATOM   365 O  "O5'" . A   B 1 8 ? 9.49166   -8.12219  -4.48181  1.000 27.16319 ? 8   A   B "O5'" 1 
ATOM   366 C  "C5'" . A   B 1 8 ? 10.48060  -8.45385  -3.51809  1.000 25.23547 ? 8   A   B "C5'" 1 
ATOM   367 C  "C4'" . A   B 1 8 ? 9.86498   -9.28359  -2.42783  1.000 27.84172 ? 8   A   B "C4'" 1 
ATOM   368 O  "O4'" . A   B 1 8 ? 8.90185   -8.48297  -1.70055  1.000 26.94264 ? 8   A   B "O4'" 1 
ATOM   369 C  "C3'" . A   B 1 8 ? 9.05653   -10.47594 -2.91069  1.000 30.98490 ? 8   A   B "C3'" 1 
ATOM   370 O  "O3'" . A   B 1 8 ? 9.85904   -11.60168 -3.20167  1.000 30.16038 ? 8   A   B "O3'" 1 
ATOM   371 C  "C2'" . A   B 1 8 ? 8.08156   -10.70759 -1.76769  1.000 35.01223 ? 8   A   B "C2'" 1 
ATOM   372 O  "O2'" . A   B 1 8 ? 8.71738   -11.38708 -0.68613  1.000 38.18510 ? 8   A   B "O2'" 1 
ATOM   373 C  "C1'" . A   B 1 8 ? 7.79281   -9.27688  -1.33393  1.000 30.86626 ? 8   A   B "C1'" 1 
ATOM   374 N  N9    . A   B 1 8 ? 6.58861   -8.72422  -1.97939  1.000 27.91983 ? 8   A   B N9    1 
ATOM   375 C  C8    . A   B 1 8 ? 6.50664   -7.95304  -3.11166  1.000 25.96582 ? 8   A   B C8    1 
ATOM   376 N  N7    . A   B 1 8 ? 5.27672   -7.59289  -3.41572  1.000 25.01151 ? 8   A   B N7    1 
ATOM   377 C  C5    . A   B 1 8 ? 4.51263   -8.15147  -2.40340  1.000 22.48692 ? 8   A   B C5    1 
ATOM   378 C  C6    . A   B 1 8 ? 3.13391   -8.12452  -2.15095  1.000 20.82857 ? 8   A   B C6    1 
ATOM   379 N  N6    . A   B 1 8 ? 2.28402   -7.48021  -2.95206  1.000 20.12909 ? 8   A   B N6    1 
ATOM   380 N  N1    . A   B 1 8 ? 2.68076   -8.79007  -1.05906  1.000 19.47169 ? 8   A   B N1    1 
ATOM   381 C  C2    . A   B 1 8 ? 3.56661   -9.43036  -0.27972  1.000 26.11792 ? 8   A   B C2    1 
ATOM   382 N  N3    . A   B 1 8 ? 4.89634   -9.52623  -0.41493  1.000 23.72080 ? 8   A   B N3    1 
ATOM   383 C  C4    . A   B 1 8 ? 5.30362   -8.85072  -1.50878  1.000 24.86725 ? 8   A   B C4    1 
ATOM   384 P  P     . U   B 1 9 ? 9.42879   -12.59576 -4.37895  1.000 29.80517 ? 9   U   B P     1 
ATOM   385 O  OP1   . U   B 1 9 ? 10.51065  -13.61827 -4.49656  1.000 29.42006 ? 9   U   B OP1   1 
ATOM   386 O  OP2   . U   B 1 9 ? 9.02080   -11.78472 -5.55106  1.000 24.61801 ? 9   U   B OP2   1 
ATOM   387 O  "O5'" . U   B 1 9 ? 8.13331   -13.33024 -3.80449  1.000 29.52868 ? 9   U   B "O5'" 1 
ATOM   388 C  "C5'" . U   B 1 9 ? 8.18925   -14.09021 -2.60994  1.000 25.50286 ? 9   U   B "C5'" 1 
ATOM   389 C  "C4'" . U   B 1 9 ? 6.81061   -14.52551 -2.18286  1.000 28.70757 ? 9   U   B "C4'" 1 
ATOM   390 O  "O4'" . U   B 1 9 ? 6.05214   -13.38397 -1.71410  1.000 29.46452 ? 9   U   B "O4'" 1 
ATOM   391 C  "C3'" . U   B 1 9 ? 5.92453   -15.12495 -3.26135  1.000 30.22626 ? 9   U   B "C3'" 1 
ATOM   392 O  "O3'" . U   B 1 9 ? 6.25148   -16.47321 -3.56246  1.000 33.48344 ? 9   U   B "O3'" 1 
ATOM   393 C  "C2'" . U   B 1 9 ? 4.53653   -14.95390 -2.65813  1.000 28.53338 ? 9   U   B "C2'" 1 
ATOM   394 O  "O2'" . U   B 1 9 ? 4.30804   -15.94260 -1.66108  1.000 27.67704 ? 9   U   B "O2'" 1 
ATOM   395 C  "C1'" . U   B 1 9 ? 4.67739   -13.58791 -1.97106  1.000 28.13964 ? 9   U   B "C1'" 1 
ATOM   396 N  N1    . U   B 1 9 ? 4.17181   -12.48866 -2.83133  1.000 26.21768 ? 9   U   B N1    1 
ATOM   397 C  C2    . U   B 1 9 ? 2.82154   -12.16900 -2.73263  1.000 25.55803 ? 9   U   B C2    1 
ATOM   398 O  O2    . U   B 1 9 ? 2.05892   -12.72317 -1.96589  1.000 25.96519 ? 9   U   B O2    1 
ATOM   399 N  N3    . U   B 1 9 ? 2.38102   -11.16377 -3.54946  1.000 21.64770 ? 9   U   B N3    1 
ATOM   400 C  C4    . U   B 1 9 ? 3.12571   -10.45970 -4.47043  1.000 23.52923 ? 9   U   B C4    1 
ATOM   401 O  O4    . U   B 1 9 ? 2.57155   -9.58153  -5.15157  1.000 19.78495 ? 9   U   B O4    1 
ATOM   402 C  C5    . U   B 1 9 ? 4.50812   -10.84396 -4.52182  1.000 24.62223 ? 9   U   B C5    1 
ATOM   403 C  C6    . U   B 1 9 ? 4.97321   -11.81905 -3.72866  1.000 24.92632 ? 9   U   B C6    1 
HETATM 404 BA BA    . BA  C 2 . ? -1.17375  1.33716   1.90063   1.000 22.15799 2 101 BA  A BA    1 
HETATM 405 BA BA    . BA  D 2 . ? 0.01440   -2.39318  -0.82889  1.000 21.82266 2 101 BA  B BA    1 
HETATM 406 NA NA    . NA  E 3 . ? 2.40191   1.49047   -0.32028  1.000 47.45215 ? 102 NA  B NA    1 
HETATM 407 O  O     . HOH F 4 . ? 9.39272   4.35327   6.85525   1.000 37.19675 ? 201 HOH A O     1 
HETATM 408 O  O     . HOH F 4 . ? 4.25352   2.24693   -1.29406  1.000 24.70953 ? 202 HOH A O     1 
HETATM 409 O  O     . HOH F 4 . ? 4.94767   9.27466   -1.78762  1.000 38.16001 ? 203 HOH A O     1 
HETATM 410 O  O     . HOH F 4 . ? 8.39555   -2.32961  2.24361   1.000 30.92949 ? 204 HOH A O     1 
HETATM 411 O  O     . HOH F 4 . ? -0.77679  16.59155  3.81231   1.000 43.24905 ? 205 HOH A O     1 
HETATM 412 O  O     . HOH F 4 . ? -3.75151  -5.43657  2.52788   1.000 33.33356 ? 206 HOH A O     1 
HETATM 413 O  O     . HOH F 4 . ? -8.54393  -11.18024 1.45857   1.000 38.73619 ? 207 HOH A O     1 
HETATM 414 O  O     . HOH F 4 . ? -0.77024  -4.57411  -2.45668  1.000 21.94962 ? 208 HOH A O     1 
HETATM 415 O  O     . HOH F 4 . ? 2.43543   -11.54749 2.74594   1.000 26.97181 ? 209 HOH A O     1 
HETATM 416 O  O     . HOH F 4 . ? 1.52785   10.08641  5.31600   1.000 34.57804 ? 210 HOH A O     1 
HETATM 417 O  O     . HOH F 4 . ? -0.57350  8.36694   5.66017   1.000 24.39891 ? 211 HOH A O     1 
HETATM 418 O  O     . HOH F 4 . ? -1.48367  -4.43800  0.66621   1.000 21.08414 ? 212 HOH A O     1 
HETATM 419 O  O     . HOH F 4 . ? -1.72267  12.07603  5.41267   1.000 32.16411 ? 213 HOH A O     1 
HETATM 420 O  O     . HOH F 4 . ? -1.37663  9.30644   -3.16528  1.000 33.44470 ? 214 HOH A O     1 
HETATM 421 O  O     . HOH F 4 . ? 0.76112   2.32004   3.56582   1.000 19.49152 ? 215 HOH A O     1 
HETATM 422 O  O     . HOH F 4 . ? -0.68533  -0.36966  3.88135   1.000 20.48711 ? 216 HOH A O     1 
HETATM 423 O  O     . HOH F 4 . ? -1.50630  8.63599   7.84693   1.000 37.19043 ? 217 HOH A O     1 
HETATM 424 O  O     . HOH F 4 . ? 7.69502   -7.69465  2.53546   1.000 36.77464 ? 218 HOH A O     1 
HETATM 425 O  O     . HOH F 4 . ? 8.53579   2.84910   -0.00224  1.000 41.22425 ? 219 HOH A O     1 
HETATM 426 O  O     A HOH F 4 . ? -2.96288  -2.69987  2.83017   0.261 5.65627  ? 220 HOH A O     1 
HETATM 427 O  O     B HOH F 4 . ? -1.78870  -2.81954  3.01224   0.739 13.88012 ? 220 HOH A O     1 
HETATM 428 O  O     . HOH F 4 . ? -4.01942  -4.60345  -2.31142  1.000 38.24449 ? 221 HOH A O     1 
HETATM 429 O  O     . HOH G 4 . ? -3.10753  -1.10976  -4.03795  0.677 34.99860 ? 201 HOH B O     1 
HETATM 430 O  O     . HOH G 4 . ? -7.19136  7.59751   -2.92437  1.000 38.72070 ? 202 HOH B O     1 
HETATM 431 O  O     . HOH G 4 . ? -1.76508  3.31724   -11.99213 1.000 37.55190 ? 203 HOH B O     1 
HETATM 432 O  O     . HOH G 4 . ? 8.95090   -4.50875  0.45659   1.000 35.25628 ? 204 HOH B O     1 
HETATM 433 O  O     . HOH G 4 . ? 7.17478   -9.90896  -6.30321  1.000 29.48935 ? 205 HOH B O     1 
HETATM 434 O  O     . HOH G 4 . ? -0.82805  7.13034   -4.84845  1.000 21.83185 ? 206 HOH B O     1 
HETATM 435 O  O     . HOH G 4 . ? -4.04074  8.25156   -5.84628  1.000 34.27298 ? 207 HOH B O     1 
HETATM 436 O  O     . HOH G 4 . ? 9.86862   -0.68947  -1.58115  1.000 32.14228 ? 208 HOH B O     1 
HETATM 437 O  O     . HOH G 4 . ? -10.24823 5.40210   -5.37155  1.000 37.11874 ? 209 HOH B O     1 
HETATM 438 O  O     . HOH G 4 . ? 9.30655   -0.12045  -10.21781 1.000 39.18420 ? 210 HOH B O     1 
HETATM 439 O  O     . HOH G 4 . ? 1.84766   -3.47033  -5.94274  1.000 35.30248 ? 211 HOH B O     1 
HETATM 440 O  O     . HOH G 4 . ? 0.61022   -2.01621  -3.44958  1.000 20.46592 ? 212 HOH B O     1 
HETATM 441 O  O     . HOH G 4 . ? 5.58169   -19.15797 -2.65497  1.000 36.21731 ? 213 HOH B O     1 
HETATM 442 O  O     . HOH G 4 . ? -1.92086  2.31120   4.27308   1.000 25.17843 ? 214 HOH B O     1 
HETATM 443 O  O     . HOH G 4 . ? -2.35128  -1.65097  -1.95775  1.000 30.15821 ? 215 HOH B O     1 
HETATM 444 O  O     . HOH G 4 . ? 4.29757   -6.61258  -6.05453  1.000 30.85732 ? 216 HOH B O     1 
HETATM 445 O  O     . HOH G 4 . ? -1.96811  -1.30474  0.91412   1.000 23.30542 ? 217 HOH B O     1 
HETATM 446 O  O     A HOH G 4 . ? -4.08656  -1.36938  0.18369   0.552 15.81599 ? 218 HOH B O     1 
HETATM 447 O  O     B HOH G 4 . ? -4.06840  -2.32693  1.74216   0.448 18.16051 ? 218 HOH B O     1 
HETATM 448 O  O     . HOH G 4 . ? -3.89638  0.73915   2.56926   1.000 24.13024 ? 219 HOH B O     1 
HETATM 449 O  O     . HOH G 4 . ? -14.00876 0.73861   4.99726   0.5   52.37797 ? 220 HOH B O     1 
HETATM 450 O  O     . HOH G 4 . ? 6.25378   3.86322   -2.36852  1.000 31.15918 ? 221 HOH B O     1 
# 
loop_
_atom_site_anisotrop.id 
_atom_site_anisotrop.type_symbol 
_atom_site_anisotrop.pdbx_label_atom_id 
_atom_site_anisotrop.pdbx_label_alt_id 
_atom_site_anisotrop.pdbx_label_comp_id 
_atom_site_anisotrop.pdbx_label_asym_id 
_atom_site_anisotrop.pdbx_label_seq_id 
_atom_site_anisotrop.pdbx_PDB_ins_code 
_atom_site_anisotrop.U[1][1] 
_atom_site_anisotrop.U[2][2] 
_atom_site_anisotrop.U[3][3] 
_atom_site_anisotrop.U[1][2] 
_atom_site_anisotrop.U[1][3] 
_atom_site_anisotrop.U[2][3] 
_atom_site_anisotrop.pdbx_auth_seq_id 
_atom_site_anisotrop.pdbx_auth_comp_id 
_atom_site_anisotrop.pdbx_auth_asym_id 
_atom_site_anisotrop.pdbx_auth_atom_id 
404 BA BA . BA C . ? 0.29694 0.29008 0.25488 0.01320 -0.02046 0.03355 101 BA A BA 
405 BA BA . BA D . ? 0.24849 0.35314 0.22753 0.05209 -0.01219 0.01678 101 BA B BA 
# 
